data_7KDS
#
_entry.id   7KDS
#
_cell.length_a   166.920
_cell.length_b   166.920
_cell.length_c   166.920
_cell.angle_alpha   90.000
_cell.angle_beta   90.000
_cell.angle_gamma   90.000
#
_symmetry.space_group_name_H-M   'P 41 3 2'
#
loop_
_entity.id
_entity.type
_entity.pdbx_description
1 polymer 'Acetyl-coenzyme A synthetase 2'
2 non-polymer "ADENOSINE-5'-MONOPHOSPHATE-PROPYL ESTER"
3 non-polymer 'SODIUM ION'
4 water water
#
_entity_poly.entity_id   1
_entity_poly.type   'polypeptide(L)'
_entity_poly.pdbx_seq_one_letter_code
;MHHHHHHHHENLYFQGPTEQTHNVVHEANGVKLRETPKEFFERQPNKGHIHDVNQYKQMYEQSIKDPQGFFGPLAKELLS
WDHDFHTVKSGTLKNGDAAWFLGGELNASYNCVDRHAFANPDKPALICEADDEKDSHILTYGDLLREVSKVAGVLQSWGI
KKGDTVAVYLPMNAQAIIAMLAIARLGAAHSVIFAGFSAGSIKDRVNDASCKALITCDEGKRGGRTTNIKKLCDEALVDC
PTVEKVLVYKRTNNPEIHLTEGRDYYWDVETAKFPGYLPPVSVNSEDPLFLLYTSGSTGTPKGVVHSTAGYLLGAALSTK
YIFDIHPEDILFTAGDVGWITGHTYALYGPLLLGVPTIIFEGTPAYPDYGRFWQIVEKHKATHFYVAPTALRLLRKAGEQ
EIAKYDLSSLRTLGSVGEPISPDIWEWYNEFVGKNQCHISDTYWQTESGSHLIAPLAGVVPNKPGSASYPFFGIDAALID
PVTGVEIEGNDAEGVLAIKDHWPSMARTVYKNHTKYMDTYMNPYPGYYFTGDGAARDHDGYYWIRGRVDDVVNVSGHRLS
TAEIEAALIEDKKVSEAAVVGIHDDITGQAVIAYVALKEGNSDEDSEGLRKELVLQVRKTIGPFAAPKSVIIVQDLPKTR
SGKIMRRILRKVSSNEADQLGDISTLSNPQSVEGIISAFGAQFGKK
;
_entity_poly.pdbx_strand_id   A
#
loop_
_chem_comp.id
_chem_comp.type
_chem_comp.name
_chem_comp.formula
NA non-polymer 'SODIUM ION' 'Na 1'
PRX non-polymer 'ADENOSINE-5'-MONOPHOSPHATE-PROPYL ESTER' 'C13 H20 N5 O7 P'
#
# COMPACT_ATOMS: atom_id res chain seq x y z
N GLN A 20 8.70 12.76 -31.88
CA GLN A 20 9.89 11.96 -31.66
C GLN A 20 11.06 12.82 -31.13
N THR A 21 12.21 12.19 -30.91
CA THR A 21 13.42 12.85 -30.43
C THR A 21 13.12 13.71 -29.21
N HIS A 22 12.63 13.05 -28.16
CA HIS A 22 12.22 13.74 -26.94
C HIS A 22 13.36 14.56 -26.37
N ASN A 23 13.06 15.80 -25.98
CA ASN A 23 14.03 16.67 -25.34
C ASN A 23 13.83 16.75 -23.83
N VAL A 24 12.59 17.00 -23.38
CA VAL A 24 12.31 17.11 -21.94
C VAL A 24 12.28 15.74 -21.28
N VAL A 25 11.64 14.76 -21.90
CA VAL A 25 11.56 13.40 -21.35
C VAL A 25 12.78 12.65 -21.86
N HIS A 26 13.88 12.73 -21.10
CA HIS A 26 15.11 12.05 -21.49
C HIS A 26 14.96 10.53 -21.39
N GLU A 27 14.12 10.04 -20.46
CA GLU A 27 13.93 8.60 -20.32
C GLU A 27 13.27 7.98 -21.53
N ALA A 28 12.39 8.73 -22.22
CA ALA A 28 11.71 8.18 -23.39
C ALA A 28 12.68 7.89 -24.53
N ASN A 29 13.74 8.70 -24.66
CA ASN A 29 14.69 8.50 -25.75
C ASN A 29 15.40 7.17 -25.63
N GLY A 30 15.55 6.48 -26.77
CA GLY A 30 16.19 5.18 -26.82
C GLY A 30 15.34 4.03 -26.33
N VAL A 31 14.03 4.20 -26.17
CA VAL A 31 13.15 3.17 -25.63
C VAL A 31 12.17 2.75 -26.72
N LYS A 32 12.08 1.46 -26.97
CA LYS A 32 11.17 0.89 -27.96
C LYS A 32 10.16 0.00 -27.26
N LEU A 33 8.95 -0.05 -27.83
CA LEU A 33 7.86 -0.81 -27.25
C LEU A 33 8.20 -2.30 -27.20
N ARG A 34 8.09 -2.87 -26.00
CA ARG A 34 8.28 -4.31 -25.79
C ARG A 34 6.91 -4.96 -25.91
N GLU A 35 6.63 -5.54 -27.07
CA GLU A 35 5.31 -6.06 -27.37
C GLU A 35 4.94 -7.19 -26.42
N THR A 36 3.64 -7.30 -26.15
CA THR A 36 3.12 -8.32 -25.25
C THR A 36 3.46 -9.71 -25.78
N PRO A 37 4.12 -10.56 -25.01
CA PRO A 37 4.58 -11.85 -25.53
C PRO A 37 3.43 -12.72 -26.00
N LYS A 38 3.66 -13.44 -27.09
CA LYS A 38 2.60 -14.23 -27.71
C LYS A 38 2.19 -15.42 -26.85
N GLU A 39 3.12 -15.95 -26.04
CA GLU A 39 2.79 -17.12 -25.23
C GLU A 39 1.70 -16.80 -24.22
N PHE A 40 1.61 -15.55 -23.79
CA PHE A 40 0.65 -15.18 -22.75
C PHE A 40 -0.79 -15.34 -23.25
N PHE A 41 -1.06 -14.85 -24.46
CA PHE A 41 -2.40 -14.98 -25.03
C PHE A 41 -2.84 -16.43 -25.13
N GLU A 42 -1.89 -17.34 -25.37
CA GLU A 42 -2.23 -18.76 -25.42
C GLU A 42 -2.50 -19.32 -24.03
N ARG A 43 -1.85 -18.79 -23.01
CA ARG A 43 -2.05 -19.26 -21.64
C ARG A 43 -3.30 -18.66 -21.00
N GLN A 44 -4.00 -17.76 -21.67
CA GLN A 44 -5.27 -17.26 -21.14
C GLN A 44 -6.29 -18.39 -21.09
N PRO A 45 -6.91 -18.64 -19.93
CA PRO A 45 -7.91 -19.71 -19.85
C PRO A 45 -9.16 -19.41 -20.66
N ASN A 46 -9.39 -18.15 -21.02
CA ASN A 46 -10.56 -17.76 -21.78
C ASN A 46 -10.19 -16.56 -22.64
N LYS A 47 -11.13 -16.13 -23.48
CA LYS A 47 -10.90 -14.96 -24.32
C LYS A 47 -10.61 -13.74 -23.44
N GLY A 48 -9.66 -12.93 -23.90
CA GLY A 48 -9.26 -11.77 -23.13
C GLY A 48 -10.38 -10.76 -22.99
N HIS A 49 -10.38 -10.06 -21.85
CA HIS A 49 -11.44 -9.10 -21.57
C HIS A 49 -11.47 -7.99 -22.62
N ILE A 50 -10.31 -7.57 -23.11
CA ILE A 50 -10.20 -6.54 -24.13
C ILE A 50 -9.48 -7.13 -25.33
N HIS A 51 -9.98 -6.84 -26.52
CA HIS A 51 -9.45 -7.46 -27.72
C HIS A 51 -8.25 -6.68 -28.26
N ASP A 52 -8.45 -5.41 -28.57
CA ASP A 52 -7.44 -4.58 -29.19
C ASP A 52 -7.11 -3.39 -28.30
N VAL A 53 -5.93 -2.79 -28.55
CA VAL A 53 -5.55 -1.60 -27.81
C VAL A 53 -6.45 -0.43 -28.18
N ASN A 54 -6.98 -0.41 -29.41
CA ASN A 54 -7.93 0.63 -29.79
C ASN A 54 -9.24 0.50 -29.02
N GLN A 55 -9.62 -0.74 -28.67
CA GLN A 55 -10.82 -0.92 -27.86
C GLN A 55 -10.65 -0.31 -26.48
N TYR A 56 -9.46 -0.43 -25.89
CA TYR A 56 -9.22 0.15 -24.58
C TYR A 56 -9.30 1.67 -24.61
N LYS A 57 -8.70 2.29 -25.63
CA LYS A 57 -8.75 3.74 -25.73
C LYS A 57 -10.18 4.24 -25.85
N GLN A 58 -11.03 3.47 -26.55
CA GLN A 58 -12.45 3.84 -26.63
C GLN A 58 -13.14 3.66 -25.29
N MET A 59 -12.79 2.60 -24.55
CA MET A 59 -13.32 2.45 -23.19
C MET A 59 -12.82 3.57 -22.29
N TYR A 60 -11.53 3.89 -22.38
CA TYR A 60 -10.96 4.93 -21.53
C TYR A 60 -11.57 6.29 -21.86
N GLU A 61 -11.76 6.58 -23.15
CA GLU A 61 -12.34 7.87 -23.53
C GLU A 61 -13.76 8.03 -22.98
N GLN A 62 -14.50 6.92 -22.86
CA GLN A 62 -15.86 7.01 -22.33
C GLN A 62 -15.85 7.26 -20.83
N SER A 63 -14.91 6.62 -20.11
CA SER A 63 -14.88 6.78 -18.66
C SER A 63 -14.58 8.20 -18.25
N ILE A 64 -13.89 8.97 -19.11
CA ILE A 64 -13.57 10.35 -18.78
C ILE A 64 -14.66 11.30 -19.25
N LYS A 65 -15.17 11.10 -20.47
CA LYS A 65 -16.19 11.99 -21.01
C LYS A 65 -17.55 11.72 -20.37
N ASP A 66 -17.97 10.45 -20.33
CA ASP A 66 -19.25 10.04 -19.75
C ASP A 66 -18.98 9.09 -18.59
N PRO A 67 -18.67 9.61 -17.41
CA PRO A 67 -18.50 8.72 -16.25
C PRO A 67 -19.78 8.03 -15.85
N GLN A 68 -20.94 8.67 -16.02
CA GLN A 68 -22.20 8.04 -15.62
C GLN A 68 -22.50 6.83 -16.48
N GLY A 69 -22.30 6.95 -17.79
CA GLY A 69 -22.59 5.85 -18.70
C GLY A 69 -21.57 4.73 -18.66
N PHE A 70 -20.39 4.98 -18.11
CA PHE A 70 -19.34 3.97 -18.09
C PHE A 70 -19.39 3.11 -16.84
N PHE A 71 -19.44 3.73 -15.67
CA PHE A 71 -19.32 3.01 -14.41
C PHE A 71 -20.63 2.45 -13.90
N GLY A 72 -21.76 2.96 -14.37
CA GLY A 72 -23.05 2.42 -14.01
C GLY A 72 -23.15 0.93 -14.25
N PRO A 73 -23.08 0.52 -15.52
CA PRO A 73 -23.13 -0.93 -15.82
C PRO A 73 -22.08 -1.76 -15.11
N LEU A 74 -20.84 -1.27 -15.05
CA LEU A 74 -19.78 -2.02 -14.40
C LEU A 74 -20.06 -2.24 -12.92
N ALA A 75 -20.64 -1.24 -12.25
CA ALA A 75 -21.00 -1.40 -10.85
C ALA A 75 -22.07 -2.46 -10.67
N LYS A 76 -23.10 -2.46 -11.53
CA LYS A 76 -24.13 -3.48 -11.43
C LYS A 76 -23.61 -4.85 -11.83
N GLU A 77 -22.63 -4.91 -12.74
CA GLU A 77 -22.08 -6.19 -13.18
C GLU A 77 -21.17 -6.82 -12.13
N LEU A 78 -20.25 -6.04 -11.58
CA LEU A 78 -19.21 -6.58 -10.70
C LEU A 78 -19.57 -6.54 -9.22
N LEU A 79 -20.66 -5.88 -8.84
CA LEU A 79 -21.05 -5.79 -7.44
C LEU A 79 -22.48 -6.28 -7.27
N SER A 80 -22.71 -7.01 -6.19
CA SER A 80 -24.03 -7.47 -5.81
C SER A 80 -24.60 -6.48 -4.79
N TRP A 81 -25.71 -5.83 -5.14
CA TRP A 81 -26.27 -4.73 -4.36
C TRP A 81 -27.46 -5.23 -3.54
N ASP A 82 -27.49 -4.86 -2.26
CA ASP A 82 -28.69 -5.05 -1.44
C ASP A 82 -29.77 -4.05 -1.80
N HIS A 83 -29.37 -2.88 -2.28
CA HIS A 83 -30.28 -1.83 -2.72
C HIS A 83 -29.58 -1.02 -3.80
N ASP A 84 -30.31 -0.70 -4.87
CA ASP A 84 -29.70 -0.02 -6.01
C ASP A 84 -29.54 1.47 -5.74
N PHE A 85 -28.55 2.06 -6.40
CA PHE A 85 -28.26 3.48 -6.29
C PHE A 85 -29.06 4.27 -7.32
N HIS A 86 -29.20 5.58 -7.07
CA HIS A 86 -29.92 6.48 -7.95
C HIS A 86 -29.03 7.44 -8.71
N THR A 87 -27.76 7.56 -8.35
CA THR A 87 -26.86 8.53 -8.96
C THR A 87 -25.45 7.97 -8.96
N VAL A 88 -24.81 8.01 -10.13
CA VAL A 88 -23.49 7.38 -10.26
C VAL A 88 -22.40 8.26 -9.68
N LYS A 89 -22.47 9.56 -9.91
CA LYS A 89 -21.39 10.46 -9.54
C LYS A 89 -21.95 11.77 -9.03
N SER A 90 -21.43 12.23 -7.89
CA SER A 90 -21.78 13.53 -7.35
C SER A 90 -20.55 14.15 -6.70
N GLY A 91 -20.58 15.46 -6.56
CA GLY A 91 -19.53 16.18 -5.88
C GLY A 91 -18.40 16.59 -6.80
N THR A 92 -17.54 17.45 -6.26
CA THR A 92 -16.42 18.02 -6.99
C THR A 92 -15.16 17.89 -6.14
N LEU A 93 -14.01 17.91 -6.83
CA LEU A 93 -12.73 17.98 -6.12
C LEU A 93 -12.61 19.28 -5.34
N LYS A 94 -13.00 20.39 -5.95
CA LYS A 94 -12.84 21.70 -5.31
C LYS A 94 -13.59 21.76 -3.98
N ASN A 95 -14.78 21.15 -3.93
CA ASN A 95 -15.58 21.17 -2.72
C ASN A 95 -15.32 19.98 -1.80
N GLY A 96 -14.53 19.01 -2.24
CA GLY A 96 -14.27 17.83 -1.43
C GLY A 96 -15.52 17.08 -1.01
N ASP A 97 -16.53 17.03 -1.89
CA ASP A 97 -17.80 16.37 -1.60
C ASP A 97 -18.05 15.22 -2.56
N ALA A 98 -16.99 14.52 -2.97
CA ALA A 98 -17.12 13.44 -3.94
C ALA A 98 -17.92 12.28 -3.37
N ALA A 99 -18.69 11.64 -4.24
CA ALA A 99 -19.48 10.48 -3.86
C ALA A 99 -19.84 9.68 -5.11
N TRP A 100 -19.90 8.36 -4.95
CA TRP A 100 -20.18 7.45 -6.05
C TRP A 100 -21.28 6.47 -5.65
N PHE A 101 -22.23 6.27 -6.57
CA PHE A 101 -23.31 5.29 -6.38
C PHE A 101 -24.18 5.66 -5.18
N LEU A 102 -24.53 6.94 -5.11
CA LEU A 102 -25.34 7.46 -4.02
C LEU A 102 -26.69 6.77 -3.97
N GLY A 103 -27.12 6.41 -2.76
CA GLY A 103 -28.35 5.68 -2.55
C GLY A 103 -28.19 4.18 -2.50
N GLY A 104 -27.06 3.66 -2.99
CA GLY A 104 -26.86 2.23 -3.02
C GLY A 104 -26.53 1.66 -1.66
N GLU A 105 -26.92 0.40 -1.46
CA GLU A 105 -26.63 -0.32 -0.24
C GLU A 105 -26.04 -1.68 -0.60
N LEU A 106 -25.01 -2.08 0.13
CA LEU A 106 -24.27 -3.31 -0.15
C LEU A 106 -23.43 -3.63 1.07
N ASN A 107 -22.69 -4.72 1.00
CA ASN A 107 -21.83 -5.15 2.09
C ASN A 107 -20.59 -5.78 1.48
N ALA A 108 -19.43 -5.47 2.06
CA ALA A 108 -18.18 -5.96 1.48
C ALA A 108 -17.99 -7.44 1.72
N SER A 109 -18.48 -7.96 2.84
CA SER A 109 -18.26 -9.37 3.14
C SER A 109 -19.19 -10.27 2.33
N TYR A 110 -20.35 -9.75 1.91
CA TYR A 110 -21.19 -10.53 1.00
C TYR A 110 -20.54 -10.63 -0.38
N ASN A 111 -20.00 -9.51 -0.88
CA ASN A 111 -19.40 -9.52 -2.20
C ASN A 111 -18.07 -10.28 -2.23
N CYS A 112 -17.34 -10.28 -1.11
CA CYS A 112 -16.05 -10.94 -1.05
C CYS A 112 -16.14 -12.43 -0.67
N VAL A 113 -17.19 -12.84 0.02
CA VAL A 113 -17.24 -14.20 0.56
C VAL A 113 -18.57 -14.88 0.25
N ASP A 114 -19.67 -14.31 0.78
CA ASP A 114 -20.94 -15.03 0.81
C ASP A 114 -21.39 -15.48 -0.56
N ARG A 115 -21.41 -14.56 -1.53
CA ARG A 115 -21.97 -14.88 -2.84
C ARG A 115 -21.18 -15.97 -3.55
N HIS A 116 -19.86 -15.97 -3.38
CA HIS A 116 -19.05 -17.01 -4.00
C HIS A 116 -19.24 -18.35 -3.28
N ALA A 117 -19.33 -18.32 -1.95
CA ALA A 117 -19.52 -19.54 -1.18
C ALA A 117 -20.82 -20.25 -1.54
N PHE A 118 -21.82 -19.51 -2.02
CA PHE A 118 -23.08 -20.14 -2.42
C PHE A 118 -22.92 -20.87 -3.74
N ALA A 119 -22.17 -20.30 -4.68
CA ALA A 119 -21.98 -20.95 -5.97
C ALA A 119 -21.04 -22.15 -5.86
N ASN A 120 -19.86 -21.93 -5.31
CA ASN A 120 -18.84 -22.97 -5.20
C ASN A 120 -18.27 -22.97 -3.79
N PRO A 121 -18.88 -23.71 -2.86
CA PRO A 121 -18.38 -23.69 -1.47
C PRO A 121 -16.98 -24.26 -1.34
N ASP A 122 -16.68 -25.32 -2.08
CA ASP A 122 -15.40 -26.01 -1.96
C ASP A 122 -14.28 -25.37 -2.79
N LYS A 123 -14.54 -24.21 -3.42
CA LYS A 123 -13.50 -23.55 -4.19
C LYS A 123 -12.51 -22.87 -3.23
N PRO A 124 -11.21 -23.01 -3.47
CA PRO A 124 -10.24 -22.36 -2.59
C PRO A 124 -10.40 -20.84 -2.61
N ALA A 125 -10.25 -20.23 -1.44
CA ALA A 125 -10.36 -18.78 -1.28
C ALA A 125 -9.10 -18.17 -0.72
N LEU A 126 -8.64 -18.64 0.43
CA LEU A 126 -7.41 -18.16 1.06
C LEU A 126 -6.40 -19.31 1.07
N ILE A 127 -5.33 -19.14 0.30
CA ILE A 127 -4.21 -20.09 0.31
C ILE A 127 -3.19 -19.52 1.27
N CYS A 128 -3.26 -19.95 2.54
CA CYS A 128 -2.45 -19.39 3.60
C CYS A 128 -1.11 -20.11 3.66
N GLU A 129 -0.05 -19.45 3.20
CA GLU A 129 1.31 -19.99 3.23
C GLU A 129 2.07 -19.31 4.36
N ALA A 130 2.33 -20.06 5.43
CA ALA A 130 2.92 -19.49 6.64
C ALA A 130 4.44 -19.42 6.52
N ASP A 131 5.07 -18.98 7.61
CA ASP A 131 6.53 -18.89 7.65
C ASP A 131 7.16 -20.26 7.41
N ASP A 132 6.54 -21.32 7.95
CA ASP A 132 6.93 -22.70 7.68
C ASP A 132 5.80 -23.37 6.92
N GLU A 133 6.15 -24.07 5.83
CA GLU A 133 5.13 -24.71 5.00
C GLU A 133 4.36 -25.78 5.76
N LYS A 134 4.91 -26.29 6.88
CA LYS A 134 4.17 -27.23 7.70
C LYS A 134 2.95 -26.59 8.36
N ASP A 135 2.98 -25.28 8.55
CA ASP A 135 1.86 -24.54 9.11
C ASP A 135 0.99 -23.91 8.05
N SER A 136 1.17 -24.27 6.78
CA SER A 136 0.33 -23.76 5.71
C SER A 136 -0.97 -24.54 5.62
N HIS A 137 -2.00 -23.87 5.11
CA HIS A 137 -3.31 -24.48 4.96
C HIS A 137 -4.12 -23.67 3.96
N ILE A 138 -5.22 -24.24 3.49
CA ILE A 138 -6.10 -23.60 2.53
C ILE A 138 -7.50 -23.51 3.12
N LEU A 139 -8.13 -22.35 2.97
CA LEU A 139 -9.52 -22.15 3.37
C LEU A 139 -10.38 -21.97 2.13
N THR A 140 -11.43 -22.78 2.02
CA THR A 140 -12.36 -22.63 0.92
C THR A 140 -13.29 -21.45 1.18
N TYR A 141 -14.05 -21.07 0.15
CA TYR A 141 -15.01 -19.99 0.32
C TYR A 141 -16.08 -20.36 1.34
N GLY A 142 -16.49 -21.63 1.37
CA GLY A 142 -17.40 -22.07 2.42
C GLY A 142 -16.79 -21.98 3.80
N ASP A 143 -15.49 -22.33 3.91
CA ASP A 143 -14.80 -22.19 5.19
C ASP A 143 -14.64 -20.72 5.56
N LEU A 144 -14.28 -19.87 4.61
CA LEU A 144 -14.12 -18.44 4.89
C LEU A 144 -15.44 -17.83 5.34
N LEU A 145 -16.57 -18.28 4.80
CA LEU A 145 -17.86 -17.78 5.25
C LEU A 145 -18.14 -18.18 6.69
N ARG A 146 -17.78 -19.41 7.08
CA ARG A 146 -18.04 -19.83 8.44
C ARG A 146 -17.12 -19.13 9.44
N GLU A 147 -15.84 -19.00 9.10
CA GLU A 147 -14.91 -18.37 10.05
C GLU A 147 -15.17 -16.88 10.19
N VAL A 148 -15.47 -16.19 9.08
CA VAL A 148 -15.82 -14.78 9.15
C VAL A 148 -17.10 -14.58 9.95
N SER A 149 -18.10 -15.43 9.73
CA SER A 149 -19.35 -15.30 10.46
C SER A 149 -19.14 -15.49 11.95
N LYS A 150 -18.31 -16.46 12.34
CA LYS A 150 -18.05 -16.69 13.75
C LYS A 150 -17.33 -15.50 14.38
N VAL A 151 -16.22 -15.07 13.78
CA VAL A 151 -15.50 -13.90 14.28
C VAL A 151 -16.44 -12.70 14.35
N ALA A 152 -17.20 -12.46 13.28
CA ALA A 152 -18.18 -11.38 13.31
C ALA A 152 -19.21 -11.58 14.40
N GLY A 153 -19.56 -12.84 14.69
CA GLY A 153 -20.49 -13.10 15.78
C GLY A 153 -19.94 -12.69 17.13
N VAL A 154 -18.62 -12.81 17.31
CA VAL A 154 -18.02 -12.42 18.58
C VAL A 154 -18.05 -10.90 18.75
N LEU A 155 -17.67 -10.18 17.69
CA LEU A 155 -17.65 -8.73 17.77
C LEU A 155 -19.04 -8.15 18.00
N GLN A 156 -20.06 -8.80 17.45
CA GLN A 156 -21.42 -8.30 17.63
C GLN A 156 -21.87 -8.46 19.08
N SER A 157 -21.63 -9.63 19.67
CA SER A 157 -21.96 -9.82 21.08
C SER A 157 -21.18 -8.87 21.97
N TRP A 158 -19.95 -8.51 21.56
CA TRP A 158 -19.20 -7.50 22.28
C TRP A 158 -19.79 -6.10 22.09
N GLY A 159 -20.65 -5.91 21.10
CA GLY A 159 -21.32 -4.63 20.90
C GLY A 159 -20.86 -3.83 19.70
N ILE A 160 -20.02 -4.38 18.83
CA ILE A 160 -19.60 -3.65 17.64
C ILE A 160 -20.78 -3.50 16.71
N LYS A 161 -21.03 -2.27 16.26
CA LYS A 161 -22.18 -1.94 15.42
C LYS A 161 -21.70 -1.08 14.25
N LYS A 162 -22.62 -0.80 13.32
CA LYS A 162 -22.28 0.05 12.17
C LYS A 162 -21.82 1.42 12.65
N GLY A 163 -20.66 1.85 12.18
CA GLY A 163 -20.08 3.11 12.59
C GLY A 163 -18.94 3.00 13.59
N ASP A 164 -18.75 1.83 14.20
CA ASP A 164 -17.61 1.63 15.08
C ASP A 164 -16.36 1.34 14.26
N THR A 165 -15.22 1.75 14.80
CA THR A 165 -13.92 1.37 14.25
C THR A 165 -13.33 0.26 15.10
N VAL A 166 -12.71 -0.71 14.44
CA VAL A 166 -12.03 -1.82 15.10
C VAL A 166 -10.61 -1.90 14.58
N ALA A 167 -9.65 -1.95 15.50
CA ALA A 167 -8.25 -1.99 15.12
C ALA A 167 -7.80 -3.43 14.92
N VAL A 168 -6.84 -3.61 14.01
CA VAL A 168 -6.26 -4.91 13.71
C VAL A 168 -4.74 -4.77 13.75
N TYR A 169 -4.10 -5.58 14.58
CA TYR A 169 -2.64 -5.61 14.71
C TYR A 169 -2.23 -7.07 14.53
N LEU A 170 -2.13 -7.50 13.27
CA LEU A 170 -1.86 -8.88 12.90
C LEU A 170 -0.85 -8.92 11.78
N PRO A 171 -0.02 -9.97 11.71
CA PRO A 171 0.85 -10.15 10.54
C PRO A 171 0.08 -10.54 9.28
N MET A 172 0.80 -10.73 8.19
CA MET A 172 0.20 -11.03 6.89
C MET A 172 -0.11 -12.53 6.81
N ASN A 173 -1.23 -12.92 7.44
CA ASN A 173 -1.68 -14.31 7.41
C ASN A 173 -3.20 -14.32 7.20
N ALA A 174 -3.77 -15.53 7.19
CA ALA A 174 -5.21 -15.66 6.94
C ALA A 174 -6.04 -15.04 8.06
N GLN A 175 -5.51 -15.01 9.28
CA GLN A 175 -6.28 -14.49 10.40
C GLN A 175 -6.60 -13.02 10.22
N ALA A 176 -5.66 -12.24 9.67
CA ALA A 176 -5.93 -10.82 9.42
C ALA A 176 -7.00 -10.66 8.35
N ILE A 177 -6.93 -11.45 7.29
CA ILE A 177 -7.94 -11.41 6.24
C ILE A 177 -9.31 -11.69 6.83
N ILE A 178 -9.42 -12.74 7.65
CA ILE A 178 -10.68 -13.06 8.30
C ILE A 178 -11.15 -11.89 9.16
N ALA A 179 -10.21 -11.22 9.84
CA ALA A 179 -10.58 -10.15 10.76
C ALA A 179 -11.25 -9.00 10.02
N MET A 180 -10.63 -8.52 8.93
CA MET A 180 -11.16 -7.35 8.24
C MET A 180 -12.53 -7.63 7.65
N LEU A 181 -12.75 -8.86 7.17
CA LEU A 181 -14.06 -9.19 6.61
C LEU A 181 -15.14 -9.23 7.70
N ALA A 182 -14.81 -9.77 8.87
CA ALA A 182 -15.79 -9.83 9.94
C ALA A 182 -16.15 -8.44 10.43
N ILE A 183 -15.19 -7.52 10.43
CA ILE A 183 -15.46 -6.15 10.87
C ILE A 183 -16.36 -5.46 9.85
N ALA A 184 -16.00 -5.54 8.57
CA ALA A 184 -16.85 -4.95 7.53
C ALA A 184 -18.22 -5.62 7.49
N ARG A 185 -18.29 -6.91 7.80
CA ARG A 185 -19.55 -7.63 7.77
C ARG A 185 -20.59 -6.96 8.66
N LEU A 186 -20.18 -6.50 9.84
CA LEU A 186 -21.08 -5.81 10.75
C LEU A 186 -21.35 -4.37 10.34
N GLY A 187 -20.73 -3.90 9.27
CA GLY A 187 -20.79 -2.50 8.92
C GLY A 187 -19.79 -1.64 9.65
N ALA A 188 -18.93 -2.22 10.48
CA ALA A 188 -17.89 -1.45 11.13
C ALA A 188 -16.74 -1.21 10.17
N ALA A 189 -15.83 -0.32 10.56
CA ALA A 189 -14.66 0.02 9.76
C ALA A 189 -13.42 -0.53 10.44
N HIS A 190 -12.59 -1.24 9.68
CA HIS A 190 -11.38 -1.82 10.23
C HIS A 190 -10.20 -0.87 10.01
N SER A 191 -9.32 -0.79 11.00
CA SER A 191 -8.08 -0.03 10.90
C SER A 191 -6.93 -1.00 11.13
N VAL A 192 -6.35 -1.49 10.04
CA VAL A 192 -5.22 -2.40 10.11
C VAL A 192 -3.97 -1.59 10.44
N ILE A 193 -3.31 -1.94 11.55
CA ILE A 193 -2.05 -1.34 11.95
C ILE A 193 -0.94 -2.31 11.61
N PHE A 194 0.06 -1.81 10.87
CA PHE A 194 1.17 -2.68 10.45
C PHE A 194 1.90 -3.23 11.66
N ALA A 195 2.19 -4.54 11.61
CA ALA A 195 2.81 -5.23 12.73
C ALA A 195 4.22 -4.72 13.03
N GLY A 196 4.87 -4.05 12.06
CA GLY A 196 6.18 -3.51 12.33
C GLY A 196 6.15 -2.31 13.26
N PHE A 197 5.04 -1.58 13.30
CA PHE A 197 4.95 -0.36 14.09
C PHE A 197 5.23 -0.63 15.56
N SER A 198 5.63 0.43 16.27
CA SER A 198 5.92 0.35 17.69
C SER A 198 4.64 0.54 18.51
N ALA A 199 4.79 0.54 19.84
CA ALA A 199 3.64 0.72 20.71
C ALA A 199 3.09 2.14 20.63
N GLY A 200 3.99 3.14 20.57
CA GLY A 200 3.53 4.51 20.47
C GLY A 200 2.76 4.78 19.20
N SER A 201 3.11 4.10 18.10
CA SER A 201 2.37 4.27 16.85
C SER A 201 0.99 3.65 16.94
N ILE A 202 0.86 2.52 17.64
CA ILE A 202 -0.45 1.94 17.89
C ILE A 202 -1.27 2.86 18.79
N LYS A 203 -0.63 3.40 19.83
CA LYS A 203 -1.31 4.31 20.76
C LYS A 203 -1.99 5.44 20.01
N ASP A 204 -1.22 6.19 19.22
CA ASP A 204 -1.76 7.34 18.50
C ASP A 204 -2.87 6.92 17.54
N ARG A 205 -2.62 5.87 16.76
CA ARG A 205 -3.58 5.45 15.75
C ARG A 205 -4.90 5.01 16.37
N VAL A 206 -4.83 4.23 17.46
CA VAL A 206 -6.05 3.77 18.13
C VAL A 206 -6.82 4.95 18.71
N ASN A 207 -6.13 5.82 19.46
CA ASN A 207 -6.80 6.96 20.08
C ASN A 207 -7.47 7.85 19.05
N ASP A 208 -6.87 8.00 17.86
CA ASP A 208 -7.47 8.84 16.84
C ASP A 208 -8.80 8.25 16.35
N ALA A 209 -8.83 6.94 16.10
CA ALA A 209 -10.02 6.30 15.57
C ALA A 209 -11.07 6.01 16.65
N SER A 210 -10.68 6.06 17.92
CA SER A 210 -11.54 5.67 19.04
C SER A 210 -12.09 4.26 18.83
N CYS A 211 -11.17 3.32 18.65
CA CYS A 211 -11.55 1.92 18.46
C CYS A 211 -12.12 1.34 19.75
N LYS A 212 -13.22 0.61 19.62
CA LYS A 212 -13.85 -0.06 20.75
C LYS A 212 -13.39 -1.51 20.91
N ALA A 213 -12.54 -2.00 20.01
CA ALA A 213 -12.10 -3.39 20.06
C ALA A 213 -10.80 -3.52 19.29
N LEU A 214 -10.03 -4.55 19.63
CA LEU A 214 -8.76 -4.82 18.98
C LEU A 214 -8.62 -6.31 18.72
N ILE A 215 -8.11 -6.64 17.54
CA ILE A 215 -7.87 -8.03 17.15
C ILE A 215 -6.38 -8.18 16.88
N THR A 216 -5.73 -9.06 17.63
CA THR A 216 -4.29 -9.25 17.55
C THR A 216 -3.99 -10.73 17.79
N CYS A 217 -2.71 -11.07 17.86
CA CYS A 217 -2.29 -12.43 18.16
C CYS A 217 -1.22 -12.41 19.26
N ASP A 218 -0.98 -13.60 19.83
CA ASP A 218 -0.04 -13.71 20.95
C ASP A 218 1.36 -13.27 20.54
N GLU A 219 1.83 -13.74 19.40
CA GLU A 219 3.12 -13.33 18.85
C GLU A 219 3.21 -13.85 17.42
N GLY A 220 4.05 -13.19 16.62
CA GLY A 220 4.20 -13.58 15.24
C GLY A 220 5.50 -14.30 14.97
N LYS A 221 5.56 -15.08 13.89
CA LYS A 221 6.78 -15.77 13.49
C LYS A 221 7.10 -15.40 12.06
N ARG A 222 8.28 -14.83 11.83
CA ARG A 222 8.67 -14.36 10.52
C ARG A 222 10.17 -14.56 10.33
N GLY A 223 10.56 -15.20 9.24
CA GLY A 223 11.96 -15.51 9.01
C GLY A 223 12.57 -16.40 10.07
N GLY A 224 11.77 -17.27 10.68
CA GLY A 224 12.24 -18.15 11.72
C GLY A 224 12.36 -17.53 13.09
N ARG A 225 12.15 -16.22 13.22
CA ARG A 225 12.25 -15.52 14.49
C ARG A 225 10.87 -15.25 15.05
N THR A 226 10.77 -15.32 16.39
CA THR A 226 9.51 -15.08 17.08
C THR A 226 9.41 -13.59 17.41
N THR A 227 8.53 -12.88 16.73
CA THR A 227 8.30 -11.46 16.96
C THR A 227 7.28 -11.28 18.09
N ASN A 228 7.48 -10.24 18.89
CA ASN A 228 6.56 -9.91 19.97
C ASN A 228 5.43 -9.04 19.44
N ILE A 229 4.18 -9.42 19.74
CA ILE A 229 3.02 -8.74 19.19
C ILE A 229 2.06 -8.31 20.29
N LYS A 230 1.54 -9.29 21.05
CA LYS A 230 0.61 -8.97 22.12
C LYS A 230 1.24 -8.07 23.17
N LYS A 231 2.54 -8.27 23.45
CA LYS A 231 3.21 -7.47 24.46
C LYS A 231 3.25 -6.00 24.06
N LEU A 232 3.44 -5.72 22.77
CA LEU A 232 3.38 -4.34 22.30
C LEU A 232 1.96 -3.78 22.40
N CYS A 233 0.94 -4.62 22.25
CA CYS A 233 -0.43 -4.15 22.38
C CYS A 233 -0.73 -3.77 23.83
N ASP A 234 -0.36 -4.64 24.77
CA ASP A 234 -0.58 -4.33 26.18
C ASP A 234 0.10 -3.02 26.57
N GLU A 235 1.23 -2.69 25.94
CA GLU A 235 1.94 -1.47 26.27
C GLU A 235 1.16 -0.23 25.82
N ALA A 236 0.59 -0.27 24.61
CA ALA A 236 -0.15 0.89 24.12
C ALA A 236 -1.56 0.97 24.70
N LEU A 237 -2.14 -0.17 25.09
CA LEU A 237 -3.54 -0.20 25.53
C LEU A 237 -3.74 0.45 26.90
N VAL A 238 -2.70 0.61 27.70
CA VAL A 238 -2.88 1.27 28.99
C VAL A 238 -3.20 2.74 28.76
N ASP A 239 -2.77 3.31 27.62
CA ASP A 239 -3.07 4.68 27.26
C ASP A 239 -4.18 4.77 26.22
N CYS A 240 -4.94 3.69 26.03
CA CYS A 240 -6.06 3.63 25.08
C CYS A 240 -7.33 3.24 25.83
N PRO A 241 -8.11 4.22 26.29
CA PRO A 241 -9.30 3.89 27.08
C PRO A 241 -10.50 3.46 26.27
N THR A 242 -10.53 3.73 24.96
CA THR A 242 -11.71 3.39 24.18
C THR A 242 -11.85 1.88 23.98
N VAL A 243 -10.74 1.15 24.01
CA VAL A 243 -10.77 -0.28 23.71
C VAL A 243 -11.42 -1.01 24.88
N GLU A 244 -12.60 -1.59 24.63
CA GLU A 244 -13.30 -2.32 25.68
C GLU A 244 -12.83 -3.76 25.76
N LYS A 245 -12.65 -4.42 24.62
CA LYS A 245 -12.29 -5.82 24.57
C LYS A 245 -11.27 -6.05 23.46
N VAL A 246 -10.56 -7.17 23.58
CA VAL A 246 -9.48 -7.53 22.66
C VAL A 246 -9.60 -9.01 22.31
N LEU A 247 -9.39 -9.34 21.04
CA LEU A 247 -9.42 -10.71 20.56
C LEU A 247 -8.00 -11.15 20.20
N VAL A 248 -7.58 -12.28 20.77
CA VAL A 248 -6.20 -12.76 20.67
C VAL A 248 -6.20 -14.14 20.01
N TYR A 249 -5.42 -14.29 18.95
CA TYR A 249 -5.29 -15.56 18.24
C TYR A 249 -4.01 -16.28 18.68
N LYS A 250 -4.11 -17.61 18.81
CA LYS A 250 -2.99 -18.42 19.29
C LYS A 250 -2.15 -18.86 18.11
N ARG A 251 -1.28 -17.94 17.66
CA ARG A 251 -0.41 -18.23 16.52
C ARG A 251 0.72 -19.18 16.92
N THR A 252 1.33 -18.95 18.09
CA THR A 252 2.35 -19.85 18.61
C THR A 252 1.91 -20.60 19.85
N ASN A 253 0.83 -20.17 20.50
CA ASN A 253 0.32 -20.82 21.71
C ASN A 253 1.36 -20.79 22.83
N ASN A 254 2.02 -19.66 22.99
CA ASN A 254 3.01 -19.50 24.05
C ASN A 254 2.32 -19.44 25.39
N PRO A 255 2.64 -20.33 26.34
CA PRO A 255 1.86 -20.38 27.60
C PRO A 255 2.00 -19.11 28.44
N GLU A 256 3.18 -18.51 28.47
CA GLU A 256 3.46 -17.35 29.31
C GLU A 256 3.05 -16.04 28.67
N ILE A 257 1.89 -16.00 28.00
CA ILE A 257 1.36 -14.78 27.40
C ILE A 257 0.24 -14.28 28.30
N HIS A 258 0.44 -13.12 28.92
CA HIS A 258 -0.55 -12.59 29.85
C HIS A 258 -1.76 -12.07 29.09
N LEU A 259 -2.94 -12.27 29.68
CA LEU A 259 -4.20 -11.77 29.13
C LEU A 259 -4.92 -11.02 30.24
N THR A 260 -4.98 -9.70 30.12
CA THR A 260 -5.69 -8.88 31.09
C THR A 260 -7.15 -9.28 31.15
N GLU A 261 -7.61 -9.70 32.33
CA GLU A 261 -8.99 -10.14 32.49
C GLU A 261 -9.96 -8.99 32.29
N GLY A 262 -11.12 -9.31 31.70
CA GLY A 262 -12.12 -8.35 31.32
C GLY A 262 -11.88 -7.66 29.99
N ARG A 263 -10.61 -7.58 29.56
CA ARG A 263 -10.27 -6.96 28.29
C ARG A 263 -9.97 -8.00 27.22
N ASP A 264 -8.97 -8.85 27.46
CA ASP A 264 -8.48 -9.78 26.46
C ASP A 264 -9.25 -11.10 26.50
N TYR A 265 -9.63 -11.60 25.31
CA TYR A 265 -10.27 -12.89 25.16
C TYR A 265 -9.65 -13.62 23.98
N TYR A 266 -9.86 -14.93 23.94
CA TYR A 266 -9.16 -15.80 23.00
C TYR A 266 -10.00 -16.05 21.74
N TRP A 267 -9.32 -15.98 20.58
CA TRP A 267 -9.97 -16.17 19.29
C TRP A 267 -10.66 -17.52 19.21
N ASP A 268 -9.94 -18.60 19.55
CA ASP A 268 -10.49 -19.94 19.41
C ASP A 268 -11.67 -20.16 20.36
N VAL A 269 -11.56 -19.64 21.59
CA VAL A 269 -12.57 -19.92 22.61
C VAL A 269 -13.89 -19.23 22.27
N GLU A 270 -13.82 -17.99 21.79
CA GLU A 270 -15.04 -17.22 21.54
C GLU A 270 -15.70 -17.64 20.23
N THR A 271 -14.92 -17.82 19.16
CA THR A 271 -15.51 -18.20 17.88
C THR A 271 -16.25 -19.53 17.97
N ALA A 272 -15.78 -20.45 18.80
CA ALA A 272 -16.47 -21.72 18.99
C ALA A 272 -17.85 -21.55 19.61
N LYS A 273 -18.15 -20.37 20.18
CA LYS A 273 -19.45 -20.15 20.80
C LYS A 273 -20.53 -19.74 19.81
N PHE A 274 -20.15 -19.26 18.63
CA PHE A 274 -21.12 -18.65 17.75
C PHE A 274 -21.29 -19.44 16.44
N PRO A 275 -22.44 -19.32 15.78
CA PRO A 275 -22.73 -20.21 14.65
C PRO A 275 -21.90 -19.88 13.42
N GLY A 276 -21.98 -20.78 12.44
CA GLY A 276 -21.24 -20.70 11.20
C GLY A 276 -21.84 -19.82 10.14
N TYR A 277 -22.93 -19.12 10.44
CA TYR A 277 -23.47 -18.11 9.53
C TYR A 277 -24.01 -16.93 10.34
N LEU A 278 -23.66 -15.73 9.92
CA LEU A 278 -24.16 -14.50 10.51
C LEU A 278 -24.66 -13.59 9.39
N PRO A 279 -25.84 -12.99 9.52
CA PRO A 279 -26.37 -12.12 8.45
C PRO A 279 -25.49 -10.90 8.27
N PRO A 280 -25.18 -10.55 7.02
CA PRO A 280 -24.41 -9.33 6.78
C PRO A 280 -25.29 -8.08 6.91
N VAL A 281 -24.65 -6.99 7.34
CA VAL A 281 -25.34 -5.73 7.62
C VAL A 281 -25.19 -4.80 6.42
N SER A 282 -26.30 -4.31 5.89
CA SER A 282 -26.25 -3.40 4.77
C SER A 282 -25.64 -2.07 5.19
N VAL A 283 -24.72 -1.57 4.37
CA VAL A 283 -24.14 -0.24 4.57
C VAL A 283 -24.41 0.60 3.33
N ASN A 284 -24.42 1.90 3.51
CA ASN A 284 -24.57 2.80 2.38
C ASN A 284 -23.28 2.79 1.54
N SER A 285 -23.43 3.16 0.28
CA SER A 285 -22.27 3.16 -0.61
C SER A 285 -21.15 4.04 -0.08
N GLU A 286 -21.49 5.21 0.45
CA GLU A 286 -20.50 6.14 0.97
C GLU A 286 -20.20 5.92 2.45
N ASP A 287 -20.69 4.83 3.04
CA ASP A 287 -20.34 4.53 4.41
C ASP A 287 -18.89 4.07 4.48
N PRO A 288 -18.16 4.43 5.54
CA PRO A 288 -16.74 4.08 5.62
C PRO A 288 -16.53 2.57 5.60
N LEU A 289 -15.64 2.12 4.72
CA LEU A 289 -15.20 0.73 4.74
C LEU A 289 -14.05 0.53 5.71
N PHE A 290 -12.98 1.31 5.57
CA PHE A 290 -11.83 1.14 6.45
C PHE A 290 -11.08 2.45 6.61
N LEU A 291 -10.16 2.45 7.57
CA LEU A 291 -9.19 3.51 7.76
C LEU A 291 -7.80 2.91 7.60
N LEU A 292 -6.87 3.74 7.10
CA LEU A 292 -5.49 3.31 6.93
C LEU A 292 -4.59 4.53 7.08
N TYR A 293 -3.73 4.52 8.09
CA TYR A 293 -2.95 5.69 8.44
C TYR A 293 -1.68 5.77 7.60
N THR A 294 -1.44 6.95 7.03
CA THR A 294 -0.25 7.24 6.25
C THR A 294 0.32 8.57 6.69
N SER A 295 1.62 8.74 6.43
CA SER A 295 2.36 9.92 6.88
C SER A 295 2.63 10.81 5.68
N GLY A 296 2.13 12.05 5.74
CA GLY A 296 2.40 13.03 4.72
C GLY A 296 3.50 13.99 5.14
N SER A 297 3.95 14.79 4.18
CA SER A 297 5.08 15.69 4.35
C SER A 297 4.96 16.53 5.62
N THR A 298 3.76 17.03 5.91
CA THR A 298 3.52 17.85 7.08
C THR A 298 2.45 17.20 7.96
N GLY A 299 2.71 17.20 9.26
CA GLY A 299 1.74 16.75 10.23
C GLY A 299 1.97 15.31 10.67
N THR A 300 1.31 14.95 11.76
CA THR A 300 1.31 13.58 12.24
C THR A 300 0.54 12.69 11.27
N PRO A 301 0.82 11.36 11.29
CA PRO A 301 0.07 10.43 10.43
C PRO A 301 -1.44 10.62 10.48
N LYS A 302 -2.06 10.66 9.31
CA LYS A 302 -3.48 10.93 9.16
C LYS A 302 -4.21 9.65 8.78
N GLY A 303 -5.49 9.59 9.17
CA GLY A 303 -6.33 8.44 8.91
C GLY A 303 -7.11 8.52 7.63
N VAL A 304 -6.59 7.89 6.57
CA VAL A 304 -7.24 7.90 5.27
C VAL A 304 -8.48 7.03 5.31
N VAL A 305 -9.60 7.58 4.83
CA VAL A 305 -10.90 6.90 4.84
C VAL A 305 -11.28 6.56 3.41
N HIS A 306 -11.83 5.36 3.22
CA HIS A 306 -12.35 4.93 1.93
C HIS A 306 -13.81 4.51 2.07
N SER A 307 -14.62 4.92 1.10
CA SER A 307 -16.01 4.50 1.03
C SER A 307 -16.09 3.01 0.78
N THR A 308 -17.31 2.47 0.91
CA THR A 308 -17.50 1.04 0.71
C THR A 308 -17.65 0.69 -0.76
N ALA A 309 -18.58 1.33 -1.47
CA ALA A 309 -18.91 0.89 -2.82
C ALA A 309 -17.84 1.31 -3.83
N GLY A 310 -17.52 2.61 -3.87
CA GLY A 310 -16.53 3.10 -4.83
C GLY A 310 -15.17 2.43 -4.69
N TYR A 311 -14.81 2.00 -3.48
CA TYR A 311 -13.53 1.30 -3.30
C TYR A 311 -13.57 -0.08 -3.92
N LEU A 312 -14.60 -0.87 -3.57
CA LEU A 312 -14.66 -2.26 -4.05
C LEU A 312 -14.73 -2.30 -5.58
N LEU A 313 -15.47 -1.37 -6.19
CA LEU A 313 -15.51 -1.32 -7.64
C LEU A 313 -14.13 -1.05 -8.22
N GLY A 314 -13.45 -0.02 -7.70
CA GLY A 314 -12.11 0.27 -8.19
C GLY A 314 -11.19 -0.92 -8.08
N ALA A 315 -11.25 -1.64 -6.96
CA ALA A 315 -10.46 -2.85 -6.81
C ALA A 315 -10.88 -3.93 -7.80
N ALA A 316 -12.19 -4.03 -8.08
CA ALA A 316 -12.66 -5.05 -9.01
C ALA A 316 -12.23 -4.73 -10.44
N LEU A 317 -12.32 -3.46 -10.85
CA LEU A 317 -11.93 -3.09 -12.20
C LEU A 317 -10.45 -3.31 -12.43
N SER A 318 -9.61 -2.75 -11.55
CA SER A 318 -8.16 -2.82 -11.76
C SER A 318 -7.68 -4.26 -11.78
N THR A 319 -8.25 -5.12 -10.94
CA THR A 319 -7.84 -6.52 -10.91
C THR A 319 -8.27 -7.25 -12.17
N LYS A 320 -9.51 -7.05 -12.60
CA LYS A 320 -10.04 -7.82 -13.73
C LYS A 320 -9.36 -7.43 -15.03
N TYR A 321 -9.10 -6.13 -15.23
CA TYR A 321 -8.68 -5.64 -16.53
C TYR A 321 -7.18 -5.40 -16.65
N ILE A 322 -6.55 -4.79 -15.65
CA ILE A 322 -5.12 -4.54 -15.75
C ILE A 322 -4.33 -5.85 -15.63
N PHE A 323 -4.73 -6.71 -14.70
CA PHE A 323 -4.03 -7.98 -14.49
C PHE A 323 -4.56 -9.10 -15.36
N ASP A 324 -5.73 -8.95 -15.97
CA ASP A 324 -6.38 -9.98 -16.79
C ASP A 324 -6.68 -11.22 -15.94
N ILE A 325 -7.44 -10.99 -14.88
CA ILE A 325 -7.83 -12.04 -13.95
C ILE A 325 -9.15 -12.65 -14.41
N HIS A 326 -9.16 -13.97 -14.57
CA HIS A 326 -10.32 -14.74 -14.97
C HIS A 326 -10.71 -15.68 -13.85
N PRO A 327 -11.94 -16.23 -13.87
CA PRO A 327 -12.37 -17.13 -12.79
C PRO A 327 -11.46 -18.33 -12.55
N GLU A 328 -10.67 -18.75 -13.53
CA GLU A 328 -9.79 -19.90 -13.36
C GLU A 328 -8.40 -19.54 -12.88
N ASP A 329 -8.14 -18.26 -12.61
CA ASP A 329 -6.80 -17.79 -12.27
C ASP A 329 -6.57 -17.82 -10.76
N ILE A 330 -5.29 -17.74 -10.39
CA ILE A 330 -4.85 -17.71 -9.00
C ILE A 330 -3.83 -16.58 -8.86
N LEU A 331 -4.01 -15.74 -7.84
CA LEU A 331 -3.20 -14.54 -7.66
C LEU A 331 -2.31 -14.64 -6.44
N PHE A 332 -1.07 -14.18 -6.58
CA PHE A 332 -0.10 -14.09 -5.48
C PHE A 332 0.38 -12.65 -5.39
N THR A 333 0.06 -11.98 -4.29
CA THR A 333 0.51 -10.62 -4.01
C THR A 333 1.33 -10.62 -2.73
N ALA A 334 2.60 -10.23 -2.85
CA ALA A 334 3.53 -10.35 -1.72
C ALA A 334 3.29 -9.32 -0.64
N GLY A 335 2.61 -8.22 -0.94
CA GLY A 335 2.51 -7.12 -0.01
C GLY A 335 1.82 -7.51 1.29
N ASP A 336 2.11 -6.72 2.33
CA ASP A 336 1.52 -6.90 3.65
C ASP A 336 0.21 -6.14 3.72
N VAL A 337 -0.77 -6.72 4.42
CA VAL A 337 -2.06 -6.04 4.57
C VAL A 337 -1.99 -4.79 5.44
N GLY A 338 -0.85 -4.56 6.10
CA GLY A 338 -0.68 -3.31 6.83
C GLY A 338 -0.58 -2.09 5.94
N TRP A 339 -0.42 -2.28 4.64
CA TRP A 339 -0.34 -1.19 3.68
C TRP A 339 -1.42 -1.38 2.61
N ILE A 340 -1.59 -0.34 1.80
CA ILE A 340 -2.70 -0.30 0.85
C ILE A 340 -2.62 -1.43 -0.17
N THR A 341 -1.42 -1.94 -0.43
CA THR A 341 -1.26 -2.98 -1.46
C THR A 341 -1.94 -4.27 -1.02
N GLY A 342 -1.67 -4.72 0.21
CA GLY A 342 -2.35 -5.90 0.71
C GLY A 342 -3.84 -5.72 0.82
N HIS A 343 -4.29 -4.50 1.15
CA HIS A 343 -5.72 -4.22 1.23
C HIS A 343 -6.42 -4.53 -0.08
N THR A 344 -5.91 -3.97 -1.18
CA THR A 344 -6.66 -3.98 -2.44
C THR A 344 -6.39 -5.22 -3.28
N TYR A 345 -5.14 -5.63 -3.41
CA TYR A 345 -4.77 -6.68 -4.36
C TYR A 345 -4.27 -7.95 -3.68
N ALA A 346 -4.43 -8.06 -2.36
CA ALA A 346 -4.30 -9.33 -1.67
C ALA A 346 -5.59 -9.79 -1.02
N LEU A 347 -6.58 -8.90 -0.86
CA LEU A 347 -7.85 -9.23 -0.25
C LEU A 347 -9.01 -8.90 -1.19
N TYR A 348 -9.40 -7.62 -1.24
CA TYR A 348 -10.68 -7.25 -1.84
C TYR A 348 -10.73 -7.55 -3.33
N GLY A 349 -9.71 -7.09 -4.08
CA GLY A 349 -9.63 -7.32 -5.51
C GLY A 349 -9.86 -8.75 -5.94
N PRO A 350 -9.05 -9.68 -5.43
CA PRO A 350 -9.26 -11.11 -5.76
C PRO A 350 -10.60 -11.63 -5.27
N LEU A 351 -10.94 -11.38 -4.00
CA LEU A 351 -12.12 -11.99 -3.41
C LEU A 351 -13.39 -11.49 -4.08
N LEU A 352 -13.43 -10.21 -4.47
CA LEU A 352 -14.59 -9.70 -5.18
C LEU A 352 -14.83 -10.50 -6.47
N LEU A 353 -13.77 -10.84 -7.18
CA LEU A 353 -13.87 -11.59 -8.42
C LEU A 353 -13.98 -13.10 -8.21
N GLY A 354 -13.95 -13.56 -6.96
CA GLY A 354 -14.12 -14.98 -6.69
C GLY A 354 -12.97 -15.85 -7.10
N VAL A 355 -11.74 -15.41 -6.90
CA VAL A 355 -10.56 -16.21 -7.22
C VAL A 355 -9.71 -16.38 -5.97
N PRO A 356 -8.97 -17.47 -5.85
CA PRO A 356 -8.12 -17.67 -4.66
C PRO A 356 -6.94 -16.71 -4.66
N THR A 357 -6.63 -16.20 -3.47
CA THR A 357 -5.48 -15.34 -3.26
C THR A 357 -4.50 -16.01 -2.32
N ILE A 358 -3.21 -15.77 -2.55
CA ILE A 358 -2.14 -16.41 -1.81
C ILE A 358 -1.62 -15.43 -0.76
N ILE A 359 -1.65 -15.84 0.50
CA ILE A 359 -1.25 -15.00 1.63
C ILE A 359 0.01 -15.59 2.25
N PHE A 360 1.11 -14.84 2.17
CA PHE A 360 2.41 -15.29 2.65
C PHE A 360 2.77 -14.57 3.94
N GLU A 361 3.07 -15.34 4.99
CA GLU A 361 3.43 -14.79 6.29
C GLU A 361 4.93 -14.67 6.49
N GLY A 362 5.74 -15.14 5.55
CA GLY A 362 7.17 -15.15 5.69
C GLY A 362 7.87 -14.10 4.84
N THR A 363 9.16 -14.32 4.60
CA THR A 363 10.01 -13.45 3.81
C THR A 363 10.55 -14.21 2.62
N PRO A 364 10.90 -13.52 1.53
CA PRO A 364 11.41 -14.22 0.34
C PRO A 364 12.79 -14.84 0.52
N ALA A 365 13.41 -14.74 1.70
CA ALA A 365 14.72 -15.33 1.94
C ALA A 365 14.67 -16.60 2.78
N TYR A 366 13.70 -16.73 3.68
CA TYR A 366 13.53 -17.90 4.53
C TYR A 366 12.49 -18.83 3.92
N PRO A 367 12.74 -20.15 3.83
CA PRO A 367 13.99 -20.81 4.20
C PRO A 367 15.12 -20.57 3.19
N ASP A 368 14.78 -20.60 1.90
CA ASP A 368 15.72 -20.31 0.84
C ASP A 368 15.18 -19.17 -0.01
N TYR A 369 16.06 -18.55 -0.79
CA TYR A 369 15.66 -17.40 -1.59
C TYR A 369 14.71 -17.77 -2.73
N GLY A 370 14.42 -19.05 -2.91
CA GLY A 370 13.45 -19.46 -3.91
C GLY A 370 12.08 -19.73 -3.32
N ARG A 371 11.82 -19.20 -2.12
CA ARG A 371 10.55 -19.47 -1.45
C ARG A 371 9.37 -18.89 -2.24
N PHE A 372 9.51 -17.67 -2.74
CA PHE A 372 8.48 -17.08 -3.59
C PHE A 372 8.14 -18.00 -4.75
N TRP A 373 9.15 -18.66 -5.31
CA TRP A 373 8.97 -19.43 -6.54
C TRP A 373 8.47 -20.84 -6.28
N GLN A 374 8.76 -21.41 -5.10
CA GLN A 374 8.10 -22.67 -4.74
C GLN A 374 6.59 -22.48 -4.66
N ILE A 375 6.16 -21.37 -4.05
CA ILE A 375 4.74 -21.11 -3.89
C ILE A 375 4.06 -20.98 -5.25
N VAL A 376 4.69 -20.26 -6.18
CA VAL A 376 4.12 -20.14 -7.52
C VAL A 376 4.08 -21.50 -8.21
N GLU A 377 5.09 -22.33 -7.97
CA GLU A 377 5.08 -23.67 -8.54
C GLU A 377 4.08 -24.56 -7.81
N LYS A 378 4.05 -24.48 -6.48
CA LYS A 378 3.19 -25.37 -5.69
C LYS A 378 1.72 -25.18 -6.05
N HIS A 379 1.24 -23.94 -6.02
CA HIS A 379 -0.17 -23.65 -6.25
C HIS A 379 -0.46 -23.29 -7.71
N LYS A 380 0.53 -23.39 -8.59
CA LYS A 380 0.37 -23.08 -10.01
C LYS A 380 -0.23 -21.69 -10.20
N ALA A 381 0.37 -20.71 -9.55
CA ALA A 381 -0.15 -19.35 -9.59
C ALA A 381 -0.01 -18.76 -10.99
N THR A 382 -1.03 -17.98 -11.38
CA THR A 382 -1.07 -17.38 -12.71
C THR A 382 -0.70 -15.90 -12.71
N HIS A 383 -0.83 -15.20 -11.59
CA HIS A 383 -0.48 -13.79 -11.50
C HIS A 383 0.37 -13.57 -10.25
N PHE A 384 1.42 -12.76 -10.38
CA PHE A 384 2.34 -12.50 -9.29
C PHE A 384 2.58 -11.00 -9.17
N TYR A 385 2.43 -10.50 -7.94
CA TYR A 385 2.53 -9.07 -7.63
C TYR A 385 3.66 -8.88 -6.63
N VAL A 386 4.64 -8.06 -6.99
CA VAL A 386 5.83 -7.87 -6.17
C VAL A 386 6.28 -6.42 -6.26
N ALA A 387 7.01 -5.97 -5.23
CA ALA A 387 7.60 -4.65 -5.16
C ALA A 387 9.01 -4.67 -5.75
N PRO A 388 9.46 -3.56 -6.36
CA PRO A 388 10.81 -3.54 -6.93
C PRO A 388 11.91 -3.71 -5.91
N THR A 389 11.64 -3.42 -4.63
CA THR A 389 12.67 -3.58 -3.61
C THR A 389 12.99 -5.05 -3.36
N ALA A 390 12.05 -5.95 -3.63
CA ALA A 390 12.29 -7.38 -3.46
C ALA A 390 13.02 -7.97 -4.66
N LEU A 391 12.79 -7.43 -5.86
CA LEU A 391 13.47 -7.94 -7.05
C LEU A 391 14.97 -7.66 -6.97
N ARG A 392 15.36 -6.52 -6.42
CA ARG A 392 16.78 -6.22 -6.25
C ARG A 392 17.42 -7.15 -5.23
N LEU A 393 16.70 -7.46 -4.15
CA LEU A 393 17.23 -8.37 -3.13
C LEU A 393 17.45 -9.77 -3.71
N LEU A 394 16.48 -10.27 -4.47
CA LEU A 394 16.60 -11.62 -5.04
C LEU A 394 17.73 -11.69 -6.06
N ARG A 395 17.91 -10.64 -6.86
CA ARG A 395 18.93 -10.65 -7.90
C ARG A 395 20.32 -10.73 -7.30
N LYS A 396 20.58 -9.95 -6.25
CA LYS A 396 21.91 -9.91 -5.66
C LYS A 396 22.20 -11.15 -4.82
N ALA A 397 21.16 -11.78 -4.28
CA ALA A 397 21.33 -12.88 -3.32
C ALA A 397 20.97 -14.23 -3.89
N GLY A 398 19.75 -14.40 -4.41
CA GLY A 398 19.31 -15.71 -4.86
C GLY A 398 18.82 -15.77 -6.28
N GLU A 399 19.66 -15.35 -7.23
CA GLU A 399 19.22 -15.32 -8.63
C GLU A 399 19.13 -16.72 -9.23
N GLN A 400 19.96 -17.65 -8.76
CA GLN A 400 20.05 -18.95 -9.40
C GLN A 400 18.89 -19.88 -9.07
N GLU A 401 18.23 -19.67 -7.94
CA GLU A 401 17.17 -20.59 -7.51
C GLU A 401 15.98 -20.57 -8.46
N ILE A 402 15.81 -19.49 -9.22
CA ILE A 402 14.61 -19.31 -10.04
C ILE A 402 14.45 -20.44 -11.04
N ALA A 403 15.56 -20.87 -11.65
CA ALA A 403 15.49 -21.87 -12.71
C ALA A 403 15.06 -23.24 -12.21
N LYS A 404 15.17 -23.51 -10.91
CA LYS A 404 14.82 -24.83 -10.40
C LYS A 404 13.32 -25.07 -10.44
N TYR A 405 12.54 -24.07 -10.02
CA TYR A 405 11.10 -24.23 -9.97
C TYR A 405 10.47 -23.94 -11.33
N ASP A 406 9.26 -24.45 -11.52
CA ASP A 406 8.59 -24.38 -12.82
C ASP A 406 8.27 -22.96 -13.23
N LEU A 407 7.37 -22.30 -12.49
CA LEU A 407 6.94 -20.93 -12.75
C LEU A 407 6.29 -20.76 -14.11
N SER A 408 5.83 -21.85 -14.73
CA SER A 408 5.25 -21.78 -16.06
C SER A 408 3.79 -21.36 -16.05
N SER A 409 3.14 -21.40 -14.88
CA SER A 409 1.74 -20.99 -14.80
C SER A 409 1.55 -19.49 -14.75
N LEU A 410 2.62 -18.73 -14.53
CA LEU A 410 2.49 -17.27 -14.45
C LEU A 410 2.20 -16.68 -15.82
N ARG A 411 1.17 -15.83 -15.90
CA ARG A 411 0.85 -15.05 -17.07
C ARG A 411 1.19 -13.57 -16.95
N THR A 412 1.12 -13.02 -15.74
CA THR A 412 1.26 -11.59 -15.52
C THR A 412 2.17 -11.35 -14.33
N LEU A 413 3.19 -10.51 -14.52
CA LEU A 413 4.08 -10.09 -13.45
C LEU A 413 3.86 -8.61 -13.17
N GLY A 414 3.66 -8.26 -11.92
CA GLY A 414 3.39 -6.88 -11.57
C GLY A 414 4.45 -6.25 -10.69
N SER A 415 4.51 -4.92 -10.72
CA SER A 415 5.44 -4.14 -9.94
C SER A 415 4.70 -2.98 -9.28
N VAL A 416 5.01 -2.71 -8.01
CA VAL A 416 4.21 -1.77 -7.24
C VAL A 416 5.07 -1.15 -6.15
N GLY A 417 4.87 0.16 -5.92
CA GLY A 417 5.39 0.82 -4.73
C GLY A 417 6.58 1.72 -4.94
N GLU A 418 7.52 1.29 -5.77
CA GLU A 418 8.76 1.98 -6.00
C GLU A 418 8.97 2.17 -7.49
N PRO A 419 9.81 3.12 -7.89
CA PRO A 419 10.18 3.20 -9.31
C PRO A 419 10.89 1.92 -9.74
N ILE A 420 10.52 1.43 -10.91
CA ILE A 420 11.17 0.25 -11.49
C ILE A 420 12.23 0.74 -12.48
N SER A 421 13.43 0.18 -12.37
CA SER A 421 14.49 0.60 -13.27
C SER A 421 14.45 -0.25 -14.54
N PRO A 422 14.83 0.33 -15.67
CA PRO A 422 14.91 -0.48 -16.90
C PRO A 422 15.82 -1.69 -16.75
N ASP A 423 16.88 -1.59 -15.96
CA ASP A 423 17.72 -2.75 -15.67
C ASP A 423 16.91 -3.83 -14.97
N ILE A 424 16.12 -3.44 -13.97
CA ILE A 424 15.31 -4.40 -13.22
C ILE A 424 14.18 -4.93 -14.10
N TRP A 425 13.65 -4.09 -14.99
CA TRP A 425 12.53 -4.52 -15.84
C TRP A 425 12.95 -5.65 -16.76
N GLU A 426 14.15 -5.57 -17.36
CA GLU A 426 14.61 -6.62 -18.25
C GLU A 426 14.97 -7.88 -17.48
N TRP A 427 15.57 -7.75 -16.30
CA TRP A 427 15.80 -8.90 -15.44
C TRP A 427 14.49 -9.60 -15.10
N TYR A 428 13.45 -8.82 -14.79
CA TYR A 428 12.13 -9.36 -14.50
C TYR A 428 11.57 -10.15 -15.68
N ASN A 429 11.76 -9.63 -16.89
CA ASN A 429 11.06 -10.19 -18.05
C ASN A 429 11.59 -11.57 -18.42
N GLU A 430 12.92 -11.77 -18.37
CA GLU A 430 13.54 -13.01 -18.83
C GLU A 430 13.89 -13.96 -17.69
N PHE A 431 14.38 -13.46 -16.56
CA PHE A 431 14.81 -14.35 -15.49
C PHE A 431 13.64 -15.06 -14.83
N VAL A 432 12.48 -14.40 -14.75
CA VAL A 432 11.29 -14.96 -14.11
C VAL A 432 10.19 -15.24 -15.14
N GLY A 433 9.83 -14.24 -15.94
CA GLY A 433 8.81 -14.43 -16.96
C GLY A 433 9.29 -15.19 -18.18
N LYS A 434 10.60 -15.35 -18.35
CA LYS A 434 11.21 -16.07 -19.48
C LYS A 434 10.79 -15.45 -20.82
N ASN A 435 10.63 -14.13 -20.85
CA ASN A 435 10.16 -13.41 -22.03
C ASN A 435 8.81 -13.97 -22.51
N GLN A 436 7.97 -14.35 -21.56
CA GLN A 436 6.64 -14.89 -21.84
C GLN A 436 5.56 -14.16 -21.06
N CYS A 437 5.84 -13.73 -19.85
CA CYS A 437 4.88 -13.01 -19.05
C CYS A 437 4.79 -11.57 -19.50
N HIS A 438 3.65 -10.94 -19.17
CA HIS A 438 3.43 -9.53 -19.35
C HIS A 438 3.77 -8.80 -18.05
N ILE A 439 4.53 -7.72 -18.16
CA ILE A 439 4.95 -6.93 -17.01
C ILE A 439 4.10 -5.67 -16.95
N SER A 440 3.54 -5.40 -15.77
CA SER A 440 2.62 -4.29 -15.55
C SER A 440 3.09 -3.49 -14.34
N ASP A 441 3.82 -2.40 -14.60
CA ASP A 441 4.22 -1.45 -13.55
C ASP A 441 3.00 -0.66 -13.11
N THR A 442 2.51 -0.94 -11.90
CA THR A 442 1.29 -0.32 -11.38
C THR A 442 1.66 0.82 -10.44
N TYR A 443 1.47 2.05 -10.90
CA TYR A 443 1.63 3.24 -10.07
C TYR A 443 0.28 3.63 -9.49
N TRP A 444 0.23 3.85 -8.18
CA TRP A 444 -0.97 4.33 -7.49
C TRP A 444 -0.55 4.77 -6.08
N GLN A 445 -1.54 5.10 -5.25
CA GLN A 445 -1.28 5.64 -3.92
C GLN A 445 -2.30 5.07 -2.94
N THR A 446 -1.95 5.13 -1.65
CA THR A 446 -2.89 4.78 -0.59
C THR A 446 -4.21 5.52 -0.77
N GLU A 447 -4.15 6.81 -1.09
CA GLU A 447 -5.37 7.59 -1.28
C GLU A 447 -6.09 7.19 -2.57
N SER A 448 -5.36 6.66 -3.56
CA SER A 448 -5.99 6.33 -4.84
C SER A 448 -6.85 5.07 -4.72
N GLY A 449 -6.55 4.19 -3.77
CA GLY A 449 -7.36 3.01 -3.56
C GLY A 449 -7.10 1.93 -4.57
N SER A 450 -7.14 2.27 -5.85
CA SER A 450 -6.86 1.33 -6.94
C SER A 450 -5.85 1.93 -7.89
N HIS A 451 -5.42 1.12 -8.85
CA HIS A 451 -4.41 1.54 -9.81
C HIS A 451 -4.83 2.81 -10.55
N LEU A 452 -3.88 3.72 -10.73
CA LEU A 452 -4.07 4.92 -11.52
C LEU A 452 -3.51 4.79 -12.93
N ILE A 453 -2.29 4.30 -13.05
CA ILE A 453 -1.58 4.20 -14.33
C ILE A 453 -0.87 2.85 -14.35
N ALA A 454 -1.18 2.01 -15.34
CA ALA A 454 -0.58 0.69 -15.43
C ALA A 454 -0.80 0.12 -16.81
N PRO A 455 0.09 -0.74 -17.29
CA PRO A 455 -0.17 -1.44 -18.56
C PRO A 455 -1.19 -2.55 -18.36
N LEU A 456 -2.24 -2.53 -19.18
CA LEU A 456 -3.25 -3.57 -19.16
C LEU A 456 -2.72 -4.78 -19.90
N ALA A 457 -2.61 -5.90 -19.19
CA ALA A 457 -2.05 -7.12 -19.76
C ALA A 457 -2.84 -7.56 -20.99
N GLY A 458 -2.11 -7.96 -22.02
CA GLY A 458 -2.73 -8.34 -23.28
C GLY A 458 -3.13 -7.18 -24.17
N VAL A 459 -2.96 -5.94 -23.72
CA VAL A 459 -3.42 -4.79 -24.48
C VAL A 459 -2.26 -3.84 -24.77
N VAL A 460 -1.60 -3.38 -23.72
CA VAL A 460 -0.66 -2.26 -23.80
C VAL A 460 0.76 -2.79 -23.91
N PRO A 461 1.53 -2.39 -24.91
CA PRO A 461 2.96 -2.70 -24.94
C PRO A 461 3.70 -1.79 -23.97
N ASN A 462 4.35 -2.38 -22.97
CA ASN A 462 4.93 -1.60 -21.89
C ASN A 462 6.32 -1.09 -22.28
N LYS A 463 6.55 0.19 -22.01
CA LYS A 463 7.89 0.76 -22.11
C LYS A 463 8.61 0.57 -20.78
N PRO A 464 9.79 -0.06 -20.76
CA PRO A 464 10.45 -0.37 -19.48
C PRO A 464 10.73 0.88 -18.66
N GLY A 465 10.19 0.92 -17.44
CA GLY A 465 10.29 2.05 -16.55
C GLY A 465 9.07 2.94 -16.55
N SER A 466 8.26 2.90 -17.59
CA SER A 466 7.05 3.71 -17.69
C SER A 466 5.84 2.89 -17.27
N ALA A 467 4.92 3.55 -16.55
CA ALA A 467 3.69 2.92 -16.13
C ALA A 467 2.62 2.94 -17.21
N SER A 468 2.95 3.41 -18.41
CA SER A 468 2.06 3.46 -19.58
C SER A 468 0.94 4.47 -19.40
N TYR A 469 -0.32 4.10 -19.86
CA TYR A 469 -1.49 4.97 -19.91
C TYR A 469 -2.27 4.92 -18.59
N PRO A 470 -2.99 5.98 -18.26
CA PRO A 470 -3.85 5.97 -17.07
C PRO A 470 -5.02 5.02 -17.24
N PHE A 471 -5.65 4.68 -16.11
CA PHE A 471 -6.70 3.68 -16.09
C PHE A 471 -8.08 4.33 -16.20
N PHE A 472 -9.11 3.47 -16.27
CA PHE A 472 -10.48 3.92 -16.44
C PHE A 472 -10.88 4.90 -15.34
N GLY A 473 -11.39 6.06 -15.75
CA GLY A 473 -11.87 7.05 -14.81
C GLY A 473 -10.81 7.96 -14.22
N ILE A 474 -9.58 7.93 -14.75
CA ILE A 474 -8.49 8.75 -14.24
C ILE A 474 -8.06 9.68 -15.37
N ASP A 475 -8.35 10.97 -15.21
CA ASP A 475 -8.05 11.99 -16.20
C ASP A 475 -6.73 12.65 -15.81
N ALA A 476 -5.62 12.09 -16.30
CA ALA A 476 -4.30 12.52 -15.89
C ALA A 476 -3.90 13.83 -16.57
N ALA A 477 -3.14 14.64 -15.83
CA ALA A 477 -2.66 15.91 -16.36
C ALA A 477 -1.44 16.34 -15.55
N LEU A 478 -0.61 17.17 -16.17
CA LEU A 478 0.57 17.73 -15.53
C LEU A 478 0.37 19.22 -15.27
N ILE A 479 0.98 19.72 -14.20
CA ILE A 479 0.87 21.12 -13.81
C ILE A 479 2.26 21.68 -13.59
N ASP A 480 2.51 22.87 -14.13
CA ASP A 480 3.78 23.54 -13.86
C ASP A 480 3.84 23.95 -12.39
N PRO A 481 4.90 23.58 -11.66
CA PRO A 481 4.92 23.86 -10.21
C PRO A 481 4.90 25.33 -9.87
N VAL A 482 5.59 26.16 -10.66
CA VAL A 482 5.71 27.58 -10.32
C VAL A 482 4.44 28.34 -10.70
N THR A 483 4.08 28.31 -11.98
CA THR A 483 2.94 29.09 -12.44
C THR A 483 1.60 28.48 -12.04
N GLY A 484 1.55 27.18 -11.78
CA GLY A 484 0.31 26.54 -11.40
C GLY A 484 -0.66 26.33 -12.55
N VAL A 485 -0.16 26.21 -13.78
CA VAL A 485 -0.98 26.02 -14.95
C VAL A 485 -0.81 24.58 -15.45
N GLU A 486 -1.87 24.06 -16.08
CA GLU A 486 -1.82 22.73 -16.65
C GLU A 486 -1.00 22.76 -17.95
N ILE A 487 -0.05 21.84 -18.05
CA ILE A 487 0.84 21.76 -19.21
C ILE A 487 0.17 20.92 -20.29
N GLU A 488 0.12 21.45 -21.50
CA GLU A 488 -0.50 20.76 -22.62
C GLU A 488 0.57 20.41 -23.66
N GLY A 489 0.46 19.22 -24.23
CA GLY A 489 1.40 18.70 -25.18
C GLY A 489 2.14 17.48 -24.65
N ASN A 490 3.11 17.05 -25.42
CA ASN A 490 3.98 15.94 -25.05
C ASN A 490 5.41 16.46 -24.87
N ASP A 491 6.31 15.56 -24.49
CA ASP A 491 7.68 15.93 -24.13
C ASP A 491 7.65 17.01 -23.04
N ALA A 492 6.90 16.71 -21.97
CA ALA A 492 6.61 17.67 -20.92
C ALA A 492 6.82 17.04 -19.55
N GLU A 493 7.13 17.88 -18.57
CA GLU A 493 7.40 17.45 -17.21
C GLU A 493 6.78 18.42 -16.23
N GLY A 494 6.36 17.89 -15.09
CA GLY A 494 5.78 18.73 -14.05
C GLY A 494 5.15 17.91 -12.96
N VAL A 495 4.30 18.56 -12.17
CA VAL A 495 3.59 17.90 -11.08
C VAL A 495 2.42 17.12 -11.64
N LEU A 496 2.22 15.90 -11.13
CA LEU A 496 1.15 15.02 -11.60
C LEU A 496 -0.13 15.28 -10.80
N ALA A 497 -1.24 15.46 -11.51
CA ALA A 497 -2.53 15.72 -10.89
C ALA A 497 -3.64 15.16 -11.75
N ILE A 498 -4.77 14.86 -11.12
CA ILE A 498 -5.92 14.24 -11.76
C ILE A 498 -7.07 15.25 -11.76
N LYS A 499 -7.74 15.37 -12.91
CA LYS A 499 -8.68 16.48 -13.12
C LYS A 499 -9.99 16.29 -12.37
N ASP A 500 -10.44 15.05 -12.20
CA ASP A 500 -11.72 14.77 -11.56
C ASP A 500 -11.57 13.55 -10.67
N HIS A 501 -12.48 13.41 -9.71
CA HIS A 501 -12.39 12.30 -8.79
C HIS A 501 -12.87 11.01 -9.44
N TRP A 502 -12.63 9.90 -8.75
CA TRP A 502 -12.87 8.57 -9.26
C TRP A 502 -13.46 7.71 -8.15
N PRO A 503 -14.08 6.57 -8.50
CA PRO A 503 -14.81 5.79 -7.49
C PRO A 503 -14.01 5.43 -6.24
N SER A 504 -12.79 4.93 -6.41
CA SER A 504 -12.00 4.45 -5.29
C SER A 504 -11.19 5.54 -4.61
N MET A 505 -11.43 6.81 -4.93
CA MET A 505 -10.68 7.89 -4.30
C MET A 505 -11.05 8.01 -2.83
N ALA A 506 -10.05 8.26 -1.99
CA ALA A 506 -10.29 8.42 -0.57
C ALA A 506 -11.14 9.66 -0.33
N ARG A 507 -12.10 9.55 0.59
CA ARG A 507 -13.13 10.57 0.73
C ARG A 507 -12.79 11.66 1.74
N THR A 508 -11.96 11.38 2.74
CA THR A 508 -11.62 12.35 3.77
C THR A 508 -10.49 11.77 4.63
N VAL A 509 -10.02 12.58 5.58
CA VAL A 509 -9.17 12.14 6.68
C VAL A 509 -10.02 12.11 7.94
N TYR A 510 -9.89 11.04 8.73
CA TYR A 510 -10.82 10.79 9.82
C TYR A 510 -10.87 11.97 10.80
N LYS A 511 -12.08 12.49 11.01
CA LYS A 511 -12.36 13.60 11.92
C LYS A 511 -11.52 14.84 11.60
N ASN A 512 -10.94 14.93 10.41
CA ASN A 512 -10.14 16.09 10.06
C ASN A 512 -10.18 16.32 8.55
N HIS A 513 -11.32 16.82 8.05
CA HIS A 513 -11.47 17.05 6.62
C HIS A 513 -10.64 18.24 6.16
N THR A 514 -10.35 19.18 7.07
CA THR A 514 -9.61 20.38 6.68
C THR A 514 -8.22 20.04 6.19
N LYS A 515 -7.51 19.16 6.90
CA LYS A 515 -6.20 18.73 6.41
C LYS A 515 -6.33 17.94 5.11
N TYR A 516 -7.42 17.20 4.94
CA TYR A 516 -7.66 16.49 3.69
C TYR A 516 -7.78 17.45 2.53
N MET A 517 -8.45 18.58 2.74
CA MET A 517 -8.51 19.61 1.70
C MET A 517 -7.16 20.30 1.52
N ASP A 518 -6.50 20.65 2.62
CA ASP A 518 -5.21 21.35 2.53
C ASP A 518 -4.15 20.52 1.83
N THR A 519 -4.29 19.19 1.86
CA THR A 519 -3.27 18.32 1.28
C THR A 519 -3.53 18.00 -0.19
N TYR A 520 -4.77 17.67 -0.54
CA TYR A 520 -5.08 17.13 -1.85
C TYR A 520 -5.87 18.06 -2.76
N MET A 521 -6.79 18.86 -2.23
CA MET A 521 -7.68 19.66 -3.06
C MET A 521 -7.29 21.12 -3.15
N ASN A 522 -6.58 21.64 -2.16
CA ASN A 522 -6.25 23.06 -2.10
C ASN A 522 -4.94 23.44 -2.79
N PRO A 523 -3.89 22.59 -2.79
CA PRO A 523 -2.67 22.97 -3.52
C PRO A 523 -2.91 23.40 -4.96
N TYR A 524 -3.78 22.69 -5.68
CA TYR A 524 -4.16 23.08 -7.04
C TYR A 524 -5.66 22.89 -7.15
N PRO A 525 -6.45 23.94 -6.92
CA PRO A 525 -7.92 23.79 -6.94
C PRO A 525 -8.40 23.26 -8.28
N GLY A 526 -9.44 22.43 -8.23
CA GLY A 526 -9.93 21.73 -9.40
C GLY A 526 -9.12 20.52 -9.78
N TYR A 527 -8.11 20.16 -8.99
CA TYR A 527 -7.24 19.03 -9.29
C TYR A 527 -6.97 18.25 -8.02
N TYR A 528 -6.74 16.95 -8.19
CA TYR A 528 -6.29 16.08 -7.10
C TYR A 528 -4.77 16.05 -7.10
N PHE A 529 -4.17 16.48 -5.98
CA PHE A 529 -2.72 16.56 -5.88
C PHE A 529 -2.16 15.19 -5.47
N THR A 530 -1.29 14.63 -6.31
CA THR A 530 -0.71 13.31 -6.06
C THR A 530 0.58 13.37 -5.26
N GLY A 531 1.27 14.50 -5.26
CA GLY A 531 2.56 14.60 -4.60
C GLY A 531 3.70 13.96 -5.36
N ASP A 532 3.54 13.71 -6.66
CA ASP A 532 4.54 13.03 -7.47
C ASP A 532 4.87 13.87 -8.68
N GLY A 533 6.14 13.83 -9.08
CA GLY A 533 6.54 14.39 -10.35
C GLY A 533 6.47 13.33 -11.45
N ALA A 534 6.13 13.77 -12.65
CA ALA A 534 5.91 12.85 -13.75
C ALA A 534 6.26 13.51 -15.07
N ALA A 535 6.36 12.70 -16.11
CA ALA A 535 6.61 13.17 -17.47
C ALA A 535 5.78 12.36 -18.44
N ARG A 536 5.47 12.97 -19.58
CA ARG A 536 4.62 12.36 -20.60
C ARG A 536 5.34 12.48 -21.94
N ASP A 537 5.55 11.35 -22.61
CA ASP A 537 6.27 11.33 -23.88
C ASP A 537 5.28 11.52 -25.03
N HIS A 538 5.79 11.43 -26.26
CA HIS A 538 4.95 11.65 -27.42
C HIS A 538 3.97 10.50 -27.64
N ASP A 539 4.33 9.30 -27.18
CA ASP A 539 3.42 8.16 -27.31
C ASP A 539 2.29 8.17 -26.29
N GLY A 540 2.33 9.07 -25.32
CA GLY A 540 1.34 9.13 -24.27
C GLY A 540 1.70 8.38 -23.01
N TYR A 541 2.81 7.64 -23.02
CA TYR A 541 3.22 6.88 -21.84
C TYR A 541 3.75 7.82 -20.76
N TYR A 542 3.38 7.53 -19.51
CA TYR A 542 3.75 8.36 -18.37
C TYR A 542 4.96 7.79 -17.65
N TRP A 543 5.87 8.68 -17.25
CA TRP A 543 7.08 8.31 -16.52
C TRP A 543 7.07 9.02 -15.18
N ILE A 544 7.12 8.24 -14.09
CA ILE A 544 7.08 8.77 -12.73
C ILE A 544 8.50 9.09 -12.27
N ARG A 545 8.70 10.30 -11.74
CA ARG A 545 10.01 10.77 -11.33
C ARG A 545 10.19 10.90 -9.82
N GLY A 546 9.22 10.48 -9.02
CA GLY A 546 9.35 10.51 -7.57
C GLY A 546 8.50 11.60 -6.94
N ARG A 547 8.53 11.61 -5.61
CA ARG A 547 7.70 12.53 -4.85
C ARG A 547 8.35 13.91 -4.74
N VAL A 548 7.52 14.95 -4.82
CA VAL A 548 8.01 16.32 -4.77
C VAL A 548 8.05 16.88 -3.35
N ASP A 549 7.28 16.32 -2.42
CA ASP A 549 7.26 16.81 -1.05
C ASP A 549 8.32 16.08 -0.23
N ASP A 550 8.27 16.24 1.10
CA ASP A 550 9.26 15.66 2.00
C ASP A 550 8.81 14.28 2.47
N VAL A 551 8.79 13.35 1.51
CA VAL A 551 8.46 11.95 1.78
C VAL A 551 9.45 11.08 1.01
N VAL A 552 10.05 10.11 1.69
CA VAL A 552 11.04 9.22 1.11
C VAL A 552 10.51 7.79 1.18
N ASN A 553 10.56 7.09 0.05
CA ASN A 553 10.09 5.71 -0.04
C ASN A 553 11.24 4.78 0.35
N VAL A 554 11.24 4.32 1.59
CA VAL A 554 12.27 3.45 2.12
C VAL A 554 11.68 2.04 2.17
N SER A 555 12.11 1.19 1.22
CA SER A 555 11.63 -0.20 1.14
C SER A 555 10.12 -0.27 0.99
N GLY A 556 9.55 0.69 0.26
CA GLY A 556 8.12 0.77 0.03
C GLY A 556 7.35 1.58 1.05
N HIS A 557 7.82 1.62 2.30
CA HIS A 557 7.15 2.40 3.33
C HIS A 557 7.36 3.89 3.07
N ARG A 558 6.27 4.63 2.92
CA ARG A 558 6.38 6.08 2.85
C ARG A 558 6.64 6.63 4.25
N LEU A 559 7.66 7.49 4.34
CA LEU A 559 8.11 8.04 5.61
C LEU A 559 8.27 9.54 5.46
N SER A 560 7.50 10.29 6.24
CA SER A 560 7.69 11.73 6.29
C SER A 560 8.96 12.06 7.06
N THR A 561 9.78 12.96 6.49
CA THR A 561 10.98 13.39 7.18
C THR A 561 10.66 14.01 8.53
N ALA A 562 9.50 14.69 8.63
CA ALA A 562 9.14 15.37 9.87
C ALA A 562 8.85 14.38 11.00
N GLU A 563 8.31 13.22 10.67
CA GLU A 563 8.04 12.23 11.70
C GLU A 563 9.33 11.67 12.29
N ILE A 564 10.34 11.47 11.45
CA ILE A 564 11.63 11.00 11.94
C ILE A 564 12.34 12.11 12.72
N GLU A 565 12.25 13.35 12.22
CA GLU A 565 12.91 14.47 12.89
C GLU A 565 12.33 14.71 14.27
N ALA A 566 11.01 14.63 14.41
CA ALA A 566 10.37 14.81 15.71
C ALA A 566 10.79 13.72 16.69
N ALA A 567 11.03 12.50 16.20
CA ALA A 567 11.45 11.41 17.08
C ALA A 567 12.86 11.65 17.61
N LEU A 568 13.77 12.14 16.76
CA LEU A 568 15.13 12.44 17.20
C LEU A 568 15.13 13.54 18.25
N ILE A 569 14.31 14.58 18.06
CA ILE A 569 14.27 15.71 18.97
C ILE A 569 13.72 15.38 20.35
N GLU A 570 13.11 14.21 20.52
CA GLU A 570 12.59 13.84 21.83
C GLU A 570 13.69 13.69 22.87
N ASP A 571 14.89 13.29 22.44
CA ASP A 571 16.03 13.26 23.35
C ASP A 571 16.39 14.67 23.78
N LYS A 572 16.64 14.84 25.08
CA LYS A 572 16.87 16.18 25.62
C LYS A 572 18.08 16.85 24.99
N LYS A 573 19.08 16.07 24.57
CA LYS A 573 20.30 16.66 24.06
C LYS A 573 20.10 17.29 22.68
N VAL A 574 19.19 16.75 21.89
CA VAL A 574 19.05 17.15 20.49
C VAL A 574 18.46 18.56 20.42
N SER A 575 19.26 19.51 19.93
CA SER A 575 18.76 20.85 19.71
C SER A 575 17.96 20.94 18.42
N GLU A 576 18.52 20.45 17.33
CA GLU A 576 17.84 20.45 16.04
C GLU A 576 18.32 19.25 15.23
N ALA A 577 17.45 18.78 14.33
CA ALA A 577 17.76 17.64 13.49
C ALA A 577 17.16 17.86 12.10
N ALA A 578 17.72 17.16 11.12
CA ALA A 578 17.26 17.26 9.74
C ALA A 578 17.59 15.95 9.02
N VAL A 579 16.58 15.37 8.35
CA VAL A 579 16.73 14.09 7.68
C VAL A 579 16.35 14.22 6.21
N VAL A 580 17.12 13.57 5.34
CA VAL A 580 16.89 13.56 3.90
C VAL A 580 17.16 12.14 3.40
N GLY A 581 16.99 11.95 2.09
CA GLY A 581 17.09 10.63 1.51
C GLY A 581 18.03 10.59 0.32
N ILE A 582 18.63 9.42 0.12
CA ILE A 582 19.54 9.16 -0.99
C ILE A 582 19.29 7.73 -1.49
N HIS A 583 19.89 7.39 -2.62
CA HIS A 583 19.65 6.10 -3.27
C HIS A 583 20.53 5.02 -2.65
N ASP A 584 19.94 4.15 -1.83
CA ASP A 584 20.58 2.93 -1.37
C ASP A 584 20.11 1.79 -2.25
N ASP A 585 21.05 0.96 -2.70
CA ASP A 585 20.72 -0.08 -3.68
C ASP A 585 19.64 -1.02 -3.16
N ILE A 586 19.81 -1.53 -1.94
CA ILE A 586 18.89 -2.52 -1.40
C ILE A 586 17.55 -1.87 -1.05
N THR A 587 17.58 -0.80 -0.25
CA THR A 587 16.35 -0.21 0.25
C THR A 587 15.71 0.78 -0.72
N GLY A 588 16.33 1.04 -1.87
CA GLY A 588 15.81 2.04 -2.80
C GLY A 588 16.14 3.45 -2.37
N GLN A 589 15.67 3.83 -1.18
CA GLN A 589 16.01 5.10 -0.57
C GLN A 589 16.28 4.87 0.91
N ALA A 590 17.25 5.60 1.45
CA ALA A 590 17.60 5.51 2.87
C ALA A 590 17.67 6.90 3.45
N VAL A 591 17.14 7.06 4.65
CA VAL A 591 17.11 8.36 5.32
C VAL A 591 18.36 8.52 6.18
N ILE A 592 19.09 9.60 5.96
CA ILE A 592 20.25 9.96 6.77
C ILE A 592 19.83 11.06 7.74
N ALA A 593 20.45 11.06 8.92
CA ALA A 593 20.10 11.99 9.98
C ALA A 593 21.28 12.88 10.30
N TYR A 594 21.11 14.18 10.12
CA TYR A 594 22.07 15.19 10.56
C TYR A 594 21.48 15.86 11.78
N VAL A 595 22.10 15.66 12.94
CA VAL A 595 21.58 16.11 14.21
C VAL A 595 22.60 17.01 14.90
N ALA A 596 22.12 18.07 15.54
CA ALA A 596 22.95 18.99 16.30
C ALA A 596 22.55 18.93 17.77
N LEU A 597 23.54 18.70 18.64
CA LEU A 597 23.30 18.57 20.06
C LEU A 597 23.50 19.91 20.77
N LYS A 598 22.95 20.00 21.99
CA LYS A 598 23.06 21.20 22.80
C LYS A 598 24.49 21.43 23.27
N GLU A 599 24.98 20.58 24.16
CA GLU A 599 26.33 20.70 24.68
C GLU A 599 26.93 19.32 25.01
N GLU A 604 30.61 13.23 24.95
CA GLU A 604 31.39 11.99 25.01
C GLU A 604 30.58 10.82 24.46
N ASP A 605 31.29 9.74 24.11
CA ASP A 605 30.67 8.54 23.53
C ASP A 605 29.79 8.91 22.34
N SER A 606 30.34 9.70 21.43
CA SER A 606 29.57 10.19 20.29
C SER A 606 29.00 9.04 19.47
N GLU A 607 29.78 7.98 19.27
CA GLU A 607 29.29 6.82 18.52
C GLU A 607 28.16 6.11 19.26
N GLY A 608 28.20 6.11 20.60
CA GLY A 608 27.14 5.46 21.35
C GLY A 608 25.85 6.25 21.35
N LEU A 609 25.94 7.58 21.41
CA LEU A 609 24.74 8.41 21.33
C LEU A 609 24.08 8.32 19.96
N ARG A 610 24.88 8.12 18.90
CA ARG A 610 24.31 7.91 17.58
C ARG A 610 23.44 6.65 17.56
N LYS A 611 23.92 5.57 18.18
CA LYS A 611 23.11 4.36 18.29
C LYS A 611 21.91 4.58 19.21
N GLU A 612 22.07 5.38 20.26
CA GLU A 612 20.95 5.66 21.16
C GLU A 612 19.83 6.41 20.44
N LEU A 613 20.18 7.26 19.48
CA LEU A 613 19.16 7.96 18.70
C LEU A 613 18.45 7.01 17.75
N VAL A 614 19.14 5.98 17.25
CA VAL A 614 18.53 5.07 16.28
C VAL A 614 17.37 4.31 16.91
N LEU A 615 17.54 3.86 18.15
CA LEU A 615 16.46 3.17 18.84
C LEU A 615 15.37 4.12 19.32
N GLN A 616 15.71 5.41 19.53
CA GLN A 616 14.69 6.39 19.85
C GLN A 616 13.70 6.54 18.71
N VAL A 617 14.18 6.50 17.46
CA VAL A 617 13.29 6.48 16.31
C VAL A 617 12.57 5.14 16.25
N ARG A 618 13.27 4.05 16.54
CA ARG A 618 12.65 2.73 16.51
C ARG A 618 11.61 2.56 17.60
N LYS A 619 11.63 3.39 18.64
CA LYS A 619 10.66 3.30 19.71
C LYS A 619 9.44 4.18 19.46
N THR A 620 9.62 5.37 18.91
CA THR A 620 8.48 6.24 18.63
C THR A 620 7.71 5.82 17.39
N ILE A 621 8.41 5.29 16.38
CA ILE A 621 7.80 4.92 15.11
C ILE A 621 7.88 3.41 14.92
N GLY A 622 9.06 2.92 14.57
CA GLY A 622 9.26 1.52 14.31
C GLY A 622 10.65 1.22 13.77
N PRO A 623 10.96 -0.06 13.58
CA PRO A 623 12.32 -0.41 13.14
C PRO A 623 12.64 0.06 11.73
N PHE A 624 11.64 0.22 10.86
CA PHE A 624 11.89 0.57 9.48
C PHE A 624 12.22 2.05 9.27
N ALA A 625 11.99 2.90 10.28
CA ALA A 625 12.34 4.31 10.19
C ALA A 625 13.77 4.61 10.61
N ALA A 626 14.47 3.65 11.21
CA ALA A 626 15.80 3.92 11.74
C ALA A 626 16.73 4.40 10.64
N PRO A 627 17.41 5.52 10.83
CA PRO A 627 18.35 6.00 9.81
C PRO A 627 19.54 5.08 9.66
N LYS A 628 20.07 5.01 8.44
CA LYS A 628 21.23 4.18 8.17
C LYS A 628 22.47 4.72 8.90
N SER A 629 22.58 6.05 9.00
CA SER A 629 23.68 6.69 9.71
C SER A 629 23.17 7.97 10.35
N VAL A 630 23.92 8.44 11.35
CA VAL A 630 23.63 9.69 12.04
C VAL A 630 24.92 10.51 12.07
N ILE A 631 24.91 11.64 11.38
CA ILE A 631 26.03 12.57 11.36
C ILE A 631 25.75 13.68 12.35
N ILE A 632 26.74 14.02 13.16
CA ILE A 632 26.61 15.03 14.20
C ILE A 632 27.40 16.26 13.79
N VAL A 633 26.72 17.40 13.71
CA VAL A 633 27.33 18.68 13.40
C VAL A 633 26.86 19.70 14.41
N GLN A 634 27.67 20.74 14.64
CA GLN A 634 27.29 21.76 15.61
C GLN A 634 26.28 22.75 15.02
N ASP A 635 26.47 23.15 13.77
CA ASP A 635 25.57 24.08 13.10
C ASP A 635 25.00 23.42 11.85
N LEU A 636 23.75 23.77 11.54
CA LEU A 636 23.09 23.26 10.34
C LEU A 636 23.04 24.34 9.25
N PRO A 637 23.17 23.94 7.98
CA PRO A 637 23.07 24.93 6.89
C PRO A 637 21.70 25.60 6.86
N LYS A 638 21.65 26.89 7.18
CA LYS A 638 20.39 27.59 7.36
C LYS A 638 20.37 28.86 6.52
N THR A 639 19.17 29.20 6.03
CA THR A 639 18.93 30.50 5.46
C THR A 639 18.82 31.54 6.58
N ARG A 640 18.76 32.81 6.18
CA ARG A 640 18.71 33.89 7.17
C ARG A 640 17.43 33.80 8.01
N SER A 641 16.31 33.39 7.39
CA SER A 641 15.08 33.25 8.14
C SER A 641 15.13 32.05 9.09
N GLY A 642 15.86 31.00 8.73
CA GLY A 642 16.04 29.87 9.62
C GLY A 642 15.85 28.50 9.00
N LYS A 643 15.35 28.45 7.77
CA LYS A 643 15.06 27.18 7.12
C LYS A 643 16.35 26.39 6.88
N ILE A 644 16.38 25.15 7.35
CA ILE A 644 17.53 24.28 7.16
C ILE A 644 17.61 23.89 5.68
N MET A 645 18.75 24.18 5.05
CA MET A 645 18.91 23.93 3.62
C MET A 645 19.02 22.43 3.35
N ARG A 646 17.87 21.77 3.20
CA ARG A 646 17.85 20.34 2.95
C ARG A 646 18.50 19.97 1.63
N ARG A 647 18.59 20.92 0.69
CA ARG A 647 19.25 20.62 -0.57
C ARG A 647 20.74 20.37 -0.37
N ILE A 648 21.37 21.08 0.57
CA ILE A 648 22.79 20.89 0.83
C ILE A 648 23.04 19.51 1.45
N LEU A 649 22.32 19.19 2.53
CA LEU A 649 22.48 17.89 3.18
C LEU A 649 22.20 16.75 2.22
N ARG A 650 21.32 16.98 1.24
CA ARG A 650 21.06 15.97 0.22
C ARG A 650 22.29 15.72 -0.64
N LYS A 651 22.90 16.80 -1.15
CA LYS A 651 24.05 16.66 -2.03
C LYS A 651 25.28 16.19 -1.27
N VAL A 652 25.47 16.68 -0.04
CA VAL A 652 26.63 16.29 0.75
C VAL A 652 26.73 14.78 0.88
N SER A 653 25.59 14.10 0.98
CA SER A 653 25.58 12.65 1.08
C SER A 653 26.17 12.01 -0.18
N SER A 654 25.92 12.61 -1.34
CA SER A 654 26.38 12.04 -2.60
C SER A 654 27.57 12.81 -3.16
N ASN A 655 27.29 13.90 -3.88
CA ASN A 655 28.33 14.65 -4.57
C ASN A 655 28.23 16.12 -4.19
N GLU A 656 29.37 16.71 -3.83
CA GLU A 656 29.47 18.12 -3.45
C GLU A 656 30.02 18.90 -4.64
N ALA A 657 29.11 19.49 -5.43
CA ALA A 657 29.51 20.29 -6.59
C ALA A 657 28.50 21.40 -6.83
N SER A 664 23.62 29.82 -4.09
CA SER A 664 22.63 30.21 -3.09
C SER A 664 23.25 30.99 -1.93
N THR A 665 22.39 31.48 -1.04
CA THR A 665 22.81 32.31 0.09
C THR A 665 22.50 31.58 1.39
N LEU A 666 23.54 31.36 2.19
CA LEU A 666 23.43 30.71 3.50
C LEU A 666 23.88 31.68 4.59
N SER A 667 23.72 31.25 5.84
CA SER A 667 24.12 32.07 6.98
C SER A 667 25.63 31.96 7.23
N ASN A 668 26.12 30.73 7.39
CA ASN A 668 27.56 30.50 7.56
C ASN A 668 27.99 29.44 6.55
N PRO A 669 28.93 29.75 5.67
CA PRO A 669 29.39 28.74 4.71
C PRO A 669 30.41 27.79 5.30
N GLN A 670 31.14 28.25 6.33
CA GLN A 670 32.11 27.39 7.01
C GLN A 670 31.44 26.17 7.61
N SER A 671 30.16 26.28 7.99
CA SER A 671 29.44 25.14 8.52
C SER A 671 29.32 24.02 7.49
N VAL A 672 29.34 24.36 6.20
CA VAL A 672 29.25 23.35 5.15
C VAL A 672 30.49 22.46 5.15
N GLU A 673 31.68 23.06 5.31
CA GLU A 673 32.90 22.26 5.44
C GLU A 673 32.82 21.35 6.66
N GLY A 674 32.17 21.80 7.74
CA GLY A 674 32.04 20.95 8.90
C GLY A 674 31.11 19.78 8.66
N ILE A 675 30.04 19.99 7.90
CA ILE A 675 29.10 18.91 7.59
C ILE A 675 29.75 17.88 6.70
N ILE A 676 30.56 18.32 5.74
CA ILE A 676 31.29 17.38 4.88
C ILE A 676 32.32 16.61 5.69
N SER A 677 33.00 17.29 6.61
CA SER A 677 34.01 16.64 7.43
C SER A 677 33.41 15.51 8.26
N ALA A 678 32.27 15.78 8.91
CA ALA A 678 31.66 14.79 9.79
C ALA A 678 30.94 13.69 9.03
N PHE A 679 30.49 13.95 7.80
CA PHE A 679 29.84 12.90 7.00
C PHE A 679 30.82 11.78 6.69
N GLY A 680 31.99 12.12 6.15
CA GLY A 680 33.00 11.11 5.90
C GLY A 680 33.44 10.42 7.18
N ALA A 681 33.54 11.18 8.28
CA ALA A 681 33.92 10.60 9.56
C ALA A 681 32.90 9.58 10.04
N GLN A 682 31.61 9.86 9.85
CA GLN A 682 30.55 8.97 10.30
C GLN A 682 30.21 7.93 9.23
N PHE A 683 29.37 8.29 8.27
CA PHE A 683 28.99 7.40 7.18
C PHE A 683 30.18 7.11 6.25
O2' PRX B . 5.72 8.08 -5.08
C2' PRX B . 4.80 7.13 -5.58
C1' PRX B . 5.27 5.74 -5.16
O4' PRX B . 4.67 5.42 -3.92
C4' PRX B . 3.79 6.51 -3.52
C5' PRX B . 2.60 5.96 -2.77
O5' PRX B . 2.99 5.36 -1.53
P PRX B . 1.96 4.49 -0.69
O1P PRX B . 0.79 5.33 -0.41
O2P PRX B . 2.73 3.82 0.45
O3P PRX B . 1.57 3.33 -1.70
C1P PRX B . 1.92 1.93 -1.58
C2P PRX B . 1.90 1.42 -2.99
C3P PRX B . 0.64 1.84 -3.71
C3' PRX B . 3.47 7.22 -4.82
O3' PRX B . 3.03 8.55 -4.63
N9 PRX B . 4.90 4.70 -6.14
C8 PRX B . 3.90 3.77 -6.01
N7 PRX B . 3.80 2.96 -7.03
C5 PRX B . 4.80 3.38 -7.89
C4 PRX B . 5.48 4.46 -7.36
N3 PRX B . 6.50 5.12 -7.91
C2 PRX B . 6.82 4.59 -9.10
N1 PRX B . 6.27 3.56 -9.74
C6 PRX B . 5.23 2.92 -9.15
N6 PRX B . 4.67 1.89 -9.80
NA NA C . -33.55 -1.44 4.05
#